data_4P4S
#
_entry.id   4P4S
#
_cell.length_a   60.290
_cell.length_b   66.760
_cell.length_c   170.840
_cell.angle_alpha   90.00
_cell.angle_beta   90.00
_cell.angle_gamma   90.00
#
_symmetry.space_group_name_H-M   'P 21 21 21'
#
loop_
_entity.id
_entity.type
_entity.pdbx_description
1 polymer 'Interferon-induced GTP-binding protein Mx1'
2 polymer 'Interferon-induced GTP-binding protein Mx1'
3 non-polymer 'PHOSPHOMETHYLPHOSPHONIC ACID GUANYLATE ESTER'
4 non-polymer 'MAGNESIUM ION'
5 water water
#
loop_
_entity_poly.entity_id
_entity_poly.type
_entity_poly.pdbx_seq_one_letter_code
_entity_poly.pdbx_strand_id
1 'polypeptide(L)'
;(UNK)(UNK)(UNK)(UNK)(UNK)(UNK)(UNK)(UNK)(UNK)(UNK)(UNK)(UNK)LPAIAVIGDQSSGKSSVLEA
LSGVALPRGSGIVTRCPLVLKLKKLVNEDKWRGKVSYQDYEIEISDASEVEKEINKAQNAIAGEGMGISHELITLEISSR
DVPDLTLIDLPGITRVAVGNQPADIGYKIKTLIKKYIQRQETISLVVVPSNVDIATTEALSMAQEVDPEGDRTIGILTKP
DLVDKGTEDKVVDVVRNLVFHLKKGYMIVKCRGQQEIQDQLSLSEALQREKIFFENHPYFRDLLEEGKATVPSLAEKLTS
ELITHISKSLPLL(UNK)(UNK)(UNK)(UNK)(UNK)(UNK)(UNK)(UNK)(UNK)(UNK)(UNK)(UNK)(UNK)
(UNK)(UNK)(UNK)(UNK)(UNK)
;
A
2 'polypeptide(L)'
;SQYEEKVRPCIDLIDSLRALGVEQDLALPAIAVIGDQSSGKSSVLEALSGVALPRGSGIVTRCPLVLKLKKLVNEDKWRG
KVSYQDYEIEISDASEVEKEINKAQNAIAGEGMGISHELITLEISSRDVPDLTLIDLPGITRVAVGNQPADIGYKIKTLI
KKYIQRQETISLVVVPSNVDIATTEALSMAQEVDPEGDRTIGILTKPDLVDKGTEDKVVDVVRNLVFHLKKGYMIVKCRG
QQEIQDQLSLSEALQREKIFFENHPYFRDLLEEGKATVPSLAEKLTSELITHISKSLPLLENQIKETHQRITEELQKYGG
DPKAKFLKERLARLTQARRRLAQFPG
;
B
#
loop_
_chem_comp.id
_chem_comp.type
_chem_comp.name
_chem_comp.formula
GCP non-polymer 'PHOSPHOMETHYLPHOSPHONIC ACID GUANYLATE ESTER' 'C11 H18 N5 O13 P3'
MG non-polymer 'MAGNESIUM ION' 'Mg 2'
#
# COMPACT_ATOMS: atom_id res chain seq x y z
N UNK A 1 25.21 16.11 -28.35
CA UNK A 1 25.25 15.40 -27.05
C UNK A 1 25.11 13.88 -27.23
N UNK A 2 24.12 13.46 -28.02
CA UNK A 2 23.96 12.05 -28.38
C UNK A 2 25.28 11.50 -28.99
N UNK A 3 25.94 12.33 -29.79
CA UNK A 3 27.24 12.01 -30.41
C UNK A 3 28.41 11.96 -29.43
N UNK A 4 28.40 12.77 -28.37
CA UNK A 4 29.51 12.73 -27.42
C UNK A 4 29.65 11.31 -26.88
N UNK A 5 28.51 10.67 -26.62
CA UNK A 5 28.42 9.28 -26.10
C UNK A 5 28.97 8.29 -27.15
N UNK A 6 28.85 8.63 -28.43
CA UNK A 6 29.38 7.77 -29.50
C UNK A 6 30.92 7.95 -29.60
N UNK A 7 31.40 9.12 -29.20
CA UNK A 7 32.85 9.37 -29.08
C UNK A 7 33.39 8.61 -27.87
N UNK A 8 32.57 8.55 -26.81
CA UNK A 8 32.86 7.75 -25.63
C UNK A 8 32.76 6.25 -25.96
N UNK A 9 31.72 5.91 -26.70
CA UNK A 9 31.50 4.56 -27.20
C UNK A 9 32.66 4.09 -28.10
N UNK A 10 33.14 4.99 -28.97
CA UNK A 10 34.29 4.70 -29.86
C UNK A 10 35.55 4.33 -29.06
N UNK A 11 35.65 4.87 -27.84
CA UNK A 11 36.70 4.51 -26.89
C UNK A 11 36.25 3.39 -25.93
N UNK A 12 35.20 2.67 -26.31
CA UNK A 12 34.62 1.63 -25.47
C UNK A 12 34.38 2.07 -24.04
N LEU A 13 31.73 2.83 -16.32
CA LEU A 13 30.53 3.08 -17.12
C LEU A 13 29.26 3.35 -16.27
N PRO A 14 28.57 4.48 -16.55
CA PRO A 14 27.28 4.64 -15.87
C PRO A 14 26.32 3.50 -16.20
N ALA A 15 25.57 3.04 -15.20
CA ALA A 15 24.42 2.20 -15.43
C ALA A 15 23.19 2.87 -14.85
N ILE A 16 22.03 2.27 -15.05
CA ILE A 16 20.80 2.81 -14.48
C ILE A 16 19.99 1.71 -13.84
N ALA A 17 19.70 1.88 -12.56
CA ALA A 17 19.02 0.89 -11.80
C ALA A 17 17.60 1.33 -11.61
N VAL A 18 16.68 0.39 -11.64
CA VAL A 18 15.33 0.71 -11.33
C VAL A 18 15.02 0.05 -10.01
N ILE A 19 14.75 0.88 -9.01
CA ILE A 19 14.37 0.38 -7.70
C ILE A 19 12.98 0.84 -7.35
N GLY A 20 12.23 -0.02 -6.65
CA GLY A 20 10.88 0.35 -6.24
C GLY A 20 10.14 -0.85 -5.72
N ASP A 21 8.88 -0.66 -5.35
CA ASP A 21 8.09 -1.73 -4.79
C ASP A 21 7.78 -2.78 -5.84
N GLN A 22 7.46 -3.97 -5.34
CA GLN A 22 6.84 -5.02 -6.09
C GLN A 22 5.64 -4.51 -6.91
N SER A 23 5.60 -4.86 -8.20
CA SER A 23 4.58 -4.34 -9.15
C SER A 23 4.45 -2.85 -9.01
N SER A 24 5.50 -2.14 -9.38
CA SER A 24 5.41 -0.69 -9.52
C SER A 24 5.74 -0.26 -10.94
N GLY A 25 5.98 -1.22 -11.83
CA GLY A 25 6.14 -0.93 -13.25
C GLY A 25 7.57 -0.74 -13.67
N LYS A 26 8.50 -1.11 -12.82
CA LYS A 26 9.89 -0.84 -13.11
C LYS A 26 10.41 -1.57 -14.37
N SER A 27 10.24 -2.89 -14.46
CA SER A 27 10.54 -3.59 -15.71
C SER A 27 9.88 -2.93 -16.91
N SER A 28 8.62 -2.55 -16.76
CA SER A 28 7.92 -1.77 -17.79
C SER A 28 8.67 -0.49 -18.25
N VAL A 29 9.26 0.25 -17.31
CA VAL A 29 10.11 1.37 -17.71
C VAL A 29 11.29 0.86 -18.52
N LEU A 30 12.10 0.00 -17.94
CA LEU A 30 13.28 -0.51 -18.65
C LEU A 30 12.97 -1.11 -20.02
N GLU A 31 11.84 -1.76 -20.16
CA GLU A 31 11.41 -2.26 -21.44
C GLU A 31 11.04 -1.07 -22.34
N ALA A 32 10.36 -0.09 -21.78
CA ALA A 32 9.98 1.10 -22.54
C ALA A 32 11.16 1.83 -23.18
N LEU A 33 12.28 1.90 -22.47
CA LEU A 33 13.47 2.57 -22.97
C LEU A 33 14.27 1.66 -23.87
N SER A 34 14.39 0.41 -23.49
CA SER A 34 15.21 -0.53 -24.21
C SER A 34 14.52 -1.06 -25.43
N GLY A 35 13.20 -1.05 -25.41
CA GLY A 35 12.42 -1.80 -26.39
C GLY A 35 12.81 -3.25 -26.42
N VAL A 36 13.17 -3.81 -25.28
CA VAL A 36 13.44 -5.25 -25.19
C VAL A 36 12.56 -5.87 -24.13
N ALA A 37 12.25 -7.15 -24.32
CA ALA A 37 11.04 -7.75 -23.78
C ALA A 37 11.12 -8.22 -22.36
N LEU A 38 12.02 -7.64 -21.58
CA LEU A 38 12.08 -7.96 -20.17
C LEU A 38 10.74 -8.42 -19.54
N PRO A 39 10.76 -9.54 -18.77
CA PRO A 39 9.51 -10.01 -18.20
C PRO A 39 8.90 -8.94 -17.31
N ARG A 40 7.74 -8.45 -17.73
CA ARG A 40 6.99 -7.57 -16.87
C ARG A 40 5.59 -8.21 -16.68
N GLY A 41 5.03 -8.11 -15.48
CA GLY A 41 3.72 -8.67 -15.22
C GLY A 41 3.13 -8.40 -13.84
N SER A 42 2.07 -9.16 -13.56
CA SER A 42 1.37 -9.22 -12.27
C SER A 42 2.19 -10.00 -11.28
N GLY A 43 2.33 -9.46 -10.09
CA GLY A 43 2.96 -10.16 -9.00
C GLY A 43 4.47 -10.13 -9.11
N ILE A 44 5.07 -11.26 -8.74
CA ILE A 44 6.51 -11.36 -8.65
C ILE A 44 7.07 -11.75 -10.00
N VAL A 45 7.61 -10.79 -10.75
CA VAL A 45 8.05 -11.06 -12.12
C VAL A 45 9.51 -10.76 -12.43
N THR A 46 10.20 -9.96 -11.66
CA THR A 46 11.66 -9.89 -11.81
C THR A 46 12.19 -10.57 -10.56
N ARG A 47 12.83 -11.71 -10.76
CA ARG A 47 13.12 -12.63 -9.68
C ARG A 47 14.63 -12.89 -9.50
N CYS A 48 15.43 -11.93 -9.99
CA CYS A 48 16.89 -11.81 -9.81
C CYS A 48 17.49 -10.79 -10.79
N PRO A 49 18.64 -10.19 -10.43
CA PRO A 49 19.10 -8.98 -11.15
C PRO A 49 19.55 -9.24 -12.57
N LEU A 50 19.28 -8.29 -13.46
CA LEU A 50 19.61 -8.43 -14.86
C LEU A 50 20.27 -7.18 -15.31
N VAL A 51 21.45 -7.30 -15.91
CA VAL A 51 22.08 -6.18 -16.56
C VAL A 51 21.84 -6.24 -18.05
N LEU A 52 21.32 -5.14 -18.57
CA LEU A 52 21.06 -5.03 -19.97
C LEU A 52 22.11 -4.13 -20.56
N LYS A 53 22.93 -4.69 -21.44
CA LYS A 53 23.95 -3.93 -22.12
C LYS A 53 23.50 -3.72 -23.54
N LEU A 54 23.06 -2.50 -23.84
CA LEU A 54 22.66 -2.12 -25.17
C LEU A 54 23.76 -1.39 -25.93
N LYS A 55 23.92 -1.73 -27.20
CA LYS A 55 24.91 -1.13 -28.06
C LYS A 55 24.33 -0.87 -29.44
N LYS A 56 24.42 0.39 -29.84
CA LYS A 56 23.98 0.86 -31.13
C LYS A 56 24.81 0.23 -32.23
N LEU A 57 24.17 0.05 -33.39
CA LEU A 57 24.82 -0.21 -34.66
C LEU A 57 24.17 0.73 -35.65
N VAL A 58 24.96 1.57 -36.33
CA VAL A 58 24.57 2.14 -37.63
C VAL A 58 25.34 1.38 -38.73
N ASN A 59 26.27 0.54 -38.31
CA ASN A 59 27.07 -0.30 -39.17
C ASN A 59 26.30 -1.51 -39.72
N GLU A 60 25.99 -2.46 -38.84
CA GLU A 60 25.63 -3.81 -39.28
C GLU A 60 24.23 -3.95 -39.92
N ASP A 61 23.24 -3.36 -39.25
CA ASP A 61 21.84 -3.62 -39.59
C ASP A 61 21.61 -5.13 -39.49
N LYS A 62 21.89 -5.64 -38.31
CA LYS A 62 21.88 -7.06 -37.96
C LYS A 62 21.46 -7.05 -36.50
N TRP A 63 20.59 -7.97 -36.09
CA TRP A 63 20.22 -8.04 -34.68
C TRP A 63 21.10 -9.06 -33.98
N ARG A 64 21.39 -8.81 -32.71
CA ARG A 64 22.23 -9.70 -31.93
C ARG A 64 21.77 -9.67 -30.51
N GLY A 65 21.89 -10.79 -29.83
CA GLY A 65 21.47 -10.89 -28.45
C GLY A 65 22.07 -12.12 -27.81
N LYS A 66 22.52 -11.97 -26.55
CA LYS A 66 23.13 -13.07 -25.83
C LYS A 66 22.84 -12.99 -24.36
N VAL A 67 22.66 -14.14 -23.73
CA VAL A 67 22.44 -14.22 -22.29
C VAL A 67 23.61 -14.91 -21.65
N SER A 68 23.92 -14.58 -20.41
CA SER A 68 25.00 -15.25 -19.70
C SER A 68 24.70 -15.39 -18.22
N TYR A 69 25.06 -16.53 -17.64
CA TYR A 69 24.96 -16.76 -16.18
C TYR A 69 25.59 -18.09 -15.73
N GLN A 70 26.32 -18.02 -14.62
CA GLN A 70 26.91 -19.17 -13.95
C GLN A 70 27.89 -19.95 -14.84
N ASP A 71 27.33 -20.74 -15.74
CA ASP A 71 28.11 -21.42 -16.74
C ASP A 71 27.75 -20.74 -18.05
N TYR A 72 26.45 -20.60 -18.26
CA TYR A 72 25.91 -20.58 -19.60
C TYR A 72 26.14 -19.24 -20.22
N GLU A 73 26.39 -19.28 -21.53
CA GLU A 73 26.43 -18.11 -22.33
C GLU A 73 25.63 -18.49 -23.55
N ILE A 74 24.32 -18.38 -23.43
CA ILE A 74 23.42 -18.78 -24.51
C ILE A 74 23.16 -17.67 -25.50
N GLU A 75 23.17 -18.06 -26.76
CA GLU A 75 22.95 -17.19 -27.88
C GLU A 75 21.47 -17.12 -28.18
N ILE A 76 20.97 -15.93 -28.48
CA ILE A 76 19.59 -15.76 -28.86
C ILE A 76 19.55 -15.24 -30.27
N SER A 77 18.84 -15.96 -31.15
CA SER A 77 18.84 -15.61 -32.56
C SER A 77 17.60 -14.86 -33.02
N ASP A 78 16.83 -14.29 -32.10
CA ASP A 78 15.62 -13.54 -32.46
C ASP A 78 15.11 -12.70 -31.28
N ALA A 79 14.67 -11.48 -31.54
CA ALA A 79 14.14 -10.65 -30.47
C ALA A 79 12.89 -11.25 -29.87
N SER A 80 12.13 -11.98 -30.70
CA SER A 80 11.02 -12.83 -30.25
C SER A 80 11.35 -13.62 -29.00
N GLU A 81 12.54 -14.22 -29.00
CA GLU A 81 12.96 -15.16 -27.96
C GLU A 81 13.35 -14.54 -26.62
N VAL A 82 13.41 -13.22 -26.53
CA VAL A 82 14.04 -12.59 -25.38
C VAL A 82 13.32 -12.92 -24.09
N GLU A 83 12.04 -12.61 -24.00
CA GLU A 83 11.30 -12.83 -22.74
C GLU A 83 11.29 -14.32 -22.38
N LYS A 84 10.97 -15.15 -23.37
CA LYS A 84 11.05 -16.60 -23.20
C LYS A 84 12.36 -16.98 -22.52
N GLU A 85 13.47 -16.45 -23.04
CA GLU A 85 14.80 -16.79 -22.56
C GLU A 85 15.07 -16.23 -21.21
N ILE A 86 14.66 -15.00 -20.97
CA ILE A 86 14.95 -14.42 -19.68
C ILE A 86 14.25 -15.23 -18.60
N ASN A 87 13.03 -15.70 -18.85
CA ASN A 87 12.36 -16.58 -17.88
C ASN A 87 13.01 -17.93 -17.73
N LYS A 88 13.55 -18.46 -18.81
CA LYS A 88 14.36 -19.66 -18.72
C LYS A 88 15.49 -19.41 -17.74
N ALA A 89 16.23 -18.33 -17.96
CA ALA A 89 17.32 -17.97 -17.05
C ALA A 89 16.84 -17.92 -15.60
N GLN A 90 15.79 -17.14 -15.35
CA GLN A 90 15.24 -16.98 -14.00
C GLN A 90 14.92 -18.32 -13.39
N ASN A 91 14.06 -19.10 -14.05
CA ASN A 91 13.74 -20.46 -13.59
C ASN A 91 15.00 -21.20 -13.24
N ALA A 92 15.93 -21.24 -14.18
CA ALA A 92 17.19 -21.95 -13.99
C ALA A 92 17.88 -21.52 -12.72
N ILE A 93 17.99 -20.22 -12.56
CA ILE A 93 18.87 -19.62 -11.56
C ILE A 93 18.23 -19.42 -10.16
N ALA A 94 16.97 -19.03 -10.14
CA ALA A 94 16.28 -18.67 -8.89
C ALA A 94 15.43 -19.80 -8.36
N GLY A 95 15.09 -20.75 -9.22
CA GLY A 95 14.49 -22.00 -8.80
C GLY A 95 13.02 -22.16 -9.10
N GLU A 96 12.49 -21.43 -10.07
CA GLU A 96 11.16 -21.68 -10.64
C GLU A 96 10.01 -21.09 -9.85
N GLY A 97 10.11 -21.10 -8.54
CA GLY A 97 8.96 -20.77 -7.71
C GLY A 97 8.83 -19.27 -7.68
N MET A 98 8.91 -18.71 -6.50
CA MET A 98 8.89 -17.27 -6.34
C MET A 98 10.13 -16.76 -5.66
N GLY A 99 11.01 -17.64 -5.25
CA GLY A 99 12.18 -17.19 -4.54
C GLY A 99 13.12 -16.53 -5.52
N ILE A 100 14.02 -15.73 -5.01
CA ILE A 100 14.90 -14.90 -5.83
C ILE A 100 16.33 -15.31 -5.60
N SER A 101 17.27 -14.64 -6.26
CA SER A 101 18.66 -14.95 -6.13
C SER A 101 19.52 -13.71 -6.33
N HIS A 102 20.69 -13.66 -5.71
CA HIS A 102 21.62 -12.58 -5.95
C HIS A 102 22.20 -12.66 -7.37
N GLU A 103 22.23 -13.87 -7.92
CA GLU A 103 23.01 -14.18 -9.12
C GLU A 103 22.55 -13.38 -10.33
N LEU A 104 23.49 -12.67 -10.95
CA LEU A 104 23.21 -11.73 -12.01
C LEU A 104 22.96 -12.40 -13.33
N ILE A 105 22.09 -11.78 -14.11
CA ILE A 105 21.87 -12.17 -15.48
C ILE A 105 22.48 -11.11 -16.34
N THR A 106 23.11 -11.50 -17.43
CA THR A 106 23.72 -10.56 -18.32
C THR A 106 23.20 -10.78 -19.72
N LEU A 107 22.32 -9.83 -20.10
CA LEU A 107 21.83 -9.71 -21.44
C LEU A 107 22.68 -8.67 -22.12
N GLU A 108 23.19 -9.00 -23.32
CA GLU A 108 23.93 -8.06 -24.14
C GLU A 108 23.20 -8.01 -25.46
N ILE A 109 22.65 -6.86 -25.81
CA ILE A 109 21.98 -6.72 -27.10
C ILE A 109 22.60 -5.63 -27.97
N SER A 110 22.78 -5.96 -29.24
CA SER A 110 23.40 -5.08 -30.19
C SER A 110 22.46 -4.98 -31.40
N SER A 111 22.01 -3.77 -31.70
CA SER A 111 20.96 -3.56 -32.67
C SER A 111 21.01 -2.13 -33.21
N ARG A 112 20.25 -1.89 -34.26
CA ARG A 112 20.15 -0.58 -34.87
C ARG A 112 19.32 0.32 -34.00
N ASP A 113 18.14 -0.17 -33.61
CA ASP A 113 17.08 0.66 -33.05
C ASP A 113 17.34 1.05 -31.60
N VAL A 114 18.11 0.22 -30.88
CA VAL A 114 18.33 0.45 -29.45
C VAL A 114 19.47 1.43 -29.21
N PRO A 115 19.38 2.26 -28.14
CA PRO A 115 20.43 3.22 -27.84
C PRO A 115 21.66 2.58 -27.17
N ASP A 116 22.78 3.29 -27.10
CA ASP A 116 23.91 2.86 -26.28
C ASP A 116 23.57 3.12 -24.83
N LEU A 117 23.50 2.07 -24.03
CA LEU A 117 23.04 2.21 -22.65
C LEU A 117 23.26 0.98 -21.79
N THR A 118 23.32 1.19 -20.49
CA THR A 118 23.32 0.10 -19.54
C THR A 118 22.26 0.35 -18.51
N LEU A 119 21.39 -0.65 -18.40
CA LEU A 119 20.24 -0.65 -17.50
C LEU A 119 20.31 -1.88 -16.61
N ILE A 120 19.69 -1.79 -15.44
CA ILE A 120 19.67 -2.89 -14.49
C ILE A 120 18.30 -3.10 -13.91
N ASP A 121 17.63 -4.17 -14.29
CA ASP A 121 16.39 -4.53 -13.61
C ASP A 121 16.74 -5.28 -12.32
N LEU A 122 15.92 -5.07 -11.29
CA LEU A 122 16.13 -5.65 -9.99
C LEU A 122 14.75 -5.96 -9.48
N PRO A 123 14.62 -7.01 -8.65
CA PRO A 123 13.32 -7.34 -8.14
C PRO A 123 12.70 -6.22 -7.31
N GLY A 124 11.37 -6.25 -7.19
CA GLY A 124 10.67 -5.29 -6.38
C GLY A 124 10.83 -5.51 -4.90
N ILE A 125 10.62 -4.46 -4.14
CA ILE A 125 10.63 -4.54 -2.70
C ILE A 125 9.33 -5.14 -2.24
N THR A 126 9.43 -6.24 -1.52
CA THR A 126 8.32 -6.80 -0.77
C THR A 126 8.68 -6.64 0.69
N ARG A 127 7.64 -6.63 1.51
CA ARG A 127 7.81 -6.53 2.92
C ARG A 127 7.19 -7.72 3.64
N VAL A 128 6.90 -8.79 2.89
CA VAL A 128 6.22 -9.96 3.44
C VAL A 128 6.47 -11.19 2.54
N ALA A 129 6.89 -12.29 3.16
CA ALA A 129 7.17 -13.54 2.45
C ALA A 129 5.87 -14.27 2.19
N VAL A 130 5.73 -14.78 0.99
CA VAL A 130 4.49 -15.43 0.58
C VAL A 130 4.83 -16.67 -0.18
N GLY A 131 3.89 -17.58 -0.28
CA GLY A 131 4.14 -18.87 -0.85
C GLY A 131 5.43 -19.49 -0.34
N ASN A 132 6.45 -19.51 -1.21
CA ASN A 132 7.63 -20.35 -1.00
C ASN A 132 8.93 -19.59 -0.67
N GLN A 133 8.82 -18.33 -0.23
CA GLN A 133 10.02 -17.59 0.21
C GLN A 133 10.11 -17.56 1.70
N PRO A 134 11.30 -17.31 2.26
CA PRO A 134 11.50 -17.27 3.69
C PRO A 134 11.35 -15.87 4.29
N ALA A 135 11.22 -15.83 5.63
CA ALA A 135 10.89 -14.61 6.39
C ALA A 135 11.62 -13.35 5.90
N ASP A 136 12.94 -13.47 5.82
CA ASP A 136 13.83 -12.34 5.56
C ASP A 136 13.99 -12.02 4.10
N ILE A 137 13.07 -12.53 3.28
CA ILE A 137 13.03 -12.18 1.85
C ILE A 137 13.15 -10.67 1.65
N GLY A 138 12.31 -9.90 2.34
CA GLY A 138 12.27 -8.46 2.16
C GLY A 138 13.66 -7.90 2.32
N TYR A 139 14.35 -8.30 3.39
CA TYR A 139 15.73 -7.86 3.67
C TYR A 139 16.71 -8.36 2.59
N LYS A 140 16.64 -9.65 2.27
CA LYS A 140 17.45 -10.21 1.19
C LYS A 140 17.41 -9.31 -0.04
N ILE A 141 16.23 -8.90 -0.42
CA ILE A 141 16.06 -8.06 -1.58
C ILE A 141 16.70 -6.71 -1.42
N LYS A 142 16.39 -6.02 -0.33
CA LYS A 142 16.99 -4.73 -0.03
C LYS A 142 18.53 -4.79 -0.06
N THR A 143 19.11 -5.83 0.54
CA THR A 143 20.54 -6.04 0.47
C THR A 143 20.96 -6.07 -0.96
N LEU A 144 20.30 -6.91 -1.75
CA LEU A 144 20.59 -7.05 -3.18
C LEU A 144 20.52 -5.73 -3.95
N ILE A 145 19.54 -4.90 -3.64
CA ILE A 145 19.40 -3.62 -4.31
C ILE A 145 20.51 -2.67 -3.89
N LYS A 146 20.70 -2.49 -2.59
CA LYS A 146 21.79 -1.60 -2.12
C LYS A 146 23.08 -1.95 -2.82
N LYS A 147 23.31 -3.25 -3.00
CA LYS A 147 24.56 -3.71 -3.63
C LYS A 147 24.77 -3.21 -5.04
N TYR A 148 23.73 -2.65 -5.65
CA TYR A 148 23.86 -2.01 -6.97
C TYR A 148 23.81 -0.48 -6.88
N ILE A 149 22.83 0.06 -6.17
CA ILE A 149 22.71 1.51 -6.05
C ILE A 149 23.83 2.19 -5.26
N GLN A 150 24.54 1.44 -4.42
CA GLN A 150 25.66 2.01 -3.66
C GLN A 150 26.83 2.43 -4.54
N ARG A 151 26.98 1.81 -5.70
CA ARG A 151 28.04 2.19 -6.62
C ARG A 151 27.76 3.59 -7.14
N GLN A 152 28.84 4.37 -7.33
CA GLN A 152 28.74 5.75 -7.79
C GLN A 152 28.25 5.87 -9.22
N GLU A 153 28.51 4.82 -10.01
CA GLU A 153 28.12 4.77 -11.41
C GLU A 153 26.62 4.65 -11.54
N THR A 154 25.97 4.05 -10.54
CA THR A 154 24.57 3.67 -10.67
C THR A 154 23.61 4.81 -10.45
N ILE A 155 22.84 5.12 -11.49
CA ILE A 155 21.79 6.13 -11.38
C ILE A 155 20.52 5.44 -10.91
N SER A 156 20.11 5.78 -9.69
CA SER A 156 18.96 5.16 -9.06
C SER A 156 17.74 5.78 -9.67
N LEU A 157 16.88 4.95 -10.22
CA LEU A 157 15.68 5.42 -10.87
C LEU A 157 14.56 4.90 -10.02
N VAL A 158 13.99 5.76 -9.20
CA VAL A 158 12.95 5.31 -8.30
C VAL A 158 11.61 5.33 -9.01
N VAL A 159 10.92 4.21 -8.89
CA VAL A 159 9.72 3.97 -9.62
C VAL A 159 8.57 3.84 -8.65
N VAL A 160 7.65 4.79 -8.76
CA VAL A 160 6.48 4.85 -7.91
C VAL A 160 5.20 4.90 -8.73
N PRO A 161 4.17 4.19 -8.28
CA PRO A 161 2.93 4.38 -9.00
C PRO A 161 2.25 5.66 -8.55
N SER A 162 1.54 6.32 -9.45
CA SER A 162 0.88 7.59 -9.17
C SER A 162 -0.26 7.46 -8.17
N ASN A 163 -0.65 6.19 -7.90
CA ASN A 163 -1.75 5.87 -6.98
C ASN A 163 -1.32 5.31 -5.64
N VAL A 164 -0.14 5.72 -5.18
CA VAL A 164 0.23 5.54 -3.80
C VAL A 164 0.77 6.89 -3.30
N ASP A 165 0.39 7.24 -2.08
CA ASP A 165 0.92 8.44 -1.47
C ASP A 165 2.43 8.23 -1.42
N ILE A 166 3.14 9.03 -2.19
CA ILE A 166 4.59 9.02 -2.28
C ILE A 166 5.37 8.85 -0.94
N ALA A 167 4.83 9.36 0.16
CA ALA A 167 5.47 9.17 1.46
C ALA A 167 5.56 7.71 1.88
N THR A 168 4.86 6.83 1.18
CA THR A 168 4.94 5.40 1.45
C THR A 168 6.18 4.75 0.82
N THR A 169 6.93 5.51 0.01
CA THR A 169 7.88 4.94 -0.93
C THR A 169 9.25 4.63 -0.35
N GLU A 170 9.35 3.43 0.21
CA GLU A 170 10.61 2.87 0.78
C GLU A 170 11.87 3.21 0.01
N ALA A 171 11.76 3.17 -1.31
CA ALA A 171 12.91 3.34 -2.19
C ALA A 171 13.47 4.73 -2.19
N LEU A 172 12.64 5.72 -1.92
CA LEU A 172 13.15 7.07 -1.77
C LEU A 172 14.10 7.15 -0.56
N SER A 173 13.66 6.62 0.58
CA SER A 173 14.51 6.54 1.75
C SER A 173 15.78 5.81 1.33
N MET A 174 15.62 4.60 0.82
CA MET A 174 16.76 3.80 0.38
C MET A 174 17.72 4.52 -0.55
N ALA A 175 17.22 5.46 -1.34
CA ALA A 175 18.05 6.19 -2.32
C ALA A 175 18.88 7.26 -1.66
N GLN A 176 18.26 8.06 -0.81
CA GLN A 176 19.00 9.13 -0.12
C GLN A 176 20.01 8.55 0.86
N GLU A 177 19.74 7.35 1.35
CA GLU A 177 20.71 6.62 2.14
C GLU A 177 22.02 6.56 1.39
N VAL A 178 21.96 6.16 0.13
CA VAL A 178 23.17 5.95 -0.67
C VAL A 178 23.45 7.11 -1.61
N ASP A 179 22.60 8.14 -1.61
CA ASP A 179 22.81 9.35 -2.41
C ASP A 179 22.20 10.54 -1.71
N PRO A 180 22.80 10.96 -0.60
CA PRO A 180 22.32 12.06 0.26
C PRO A 180 21.96 13.35 -0.47
N GLU A 181 22.74 13.77 -1.45
CA GLU A 181 22.51 15.04 -2.11
C GLU A 181 21.76 14.87 -3.43
N GLY A 182 21.42 13.64 -3.82
CA GLY A 182 20.61 13.38 -5.01
C GLY A 182 21.21 13.75 -6.36
N ASP A 183 22.50 13.46 -6.56
CA ASP A 183 23.16 13.64 -7.87
C ASP A 183 23.09 12.41 -8.78
N ARG A 184 22.43 11.35 -8.34
CA ARG A 184 22.17 10.22 -9.21
C ARG A 184 20.87 9.61 -8.78
N THR A 185 19.82 10.41 -8.81
CA THR A 185 18.49 9.95 -8.40
C THR A 185 17.42 10.64 -9.22
N ILE A 186 16.44 9.87 -9.69
CA ILE A 186 15.33 10.39 -10.44
C ILE A 186 14.10 9.63 -10.06
N GLY A 187 13.01 10.38 -9.93
CA GLY A 187 11.73 9.79 -9.60
C GLY A 187 10.87 9.60 -10.82
N ILE A 188 10.34 8.37 -10.98
CA ILE A 188 9.42 8.10 -12.08
C ILE A 188 8.06 7.72 -11.56
N LEU A 189 7.03 8.35 -12.11
CA LEU A 189 5.69 7.99 -11.79
C LEU A 189 5.13 7.27 -12.95
N THR A 190 4.23 6.35 -12.64
CA THR A 190 3.77 5.29 -13.53
C THR A 190 2.31 5.12 -13.24
N LYS A 191 1.59 4.37 -14.03
CA LYS A 191 0.17 4.12 -13.75
C LYS A 191 -0.55 5.44 -13.47
N PRO A 192 -0.24 6.50 -14.22
CA PRO A 192 -1.02 7.68 -13.98
C PRO A 192 -2.44 7.43 -14.37
N ASP A 193 -2.69 6.50 -15.27
CA ASP A 193 -4.07 6.16 -15.64
C ASP A 193 -4.88 5.48 -14.56
N LEU A 194 -4.30 5.29 -13.38
CA LEU A 194 -4.95 4.59 -12.28
C LEU A 194 -4.98 5.41 -11.02
N VAL A 195 -5.22 6.69 -11.16
CA VAL A 195 -5.36 7.60 -10.04
C VAL A 195 -6.85 7.65 -9.73
N ASP A 196 -7.20 7.89 -8.46
CA ASP A 196 -8.60 8.12 -8.09
C ASP A 196 -8.99 9.52 -8.61
N LYS A 197 -10.14 9.59 -9.27
CA LYS A 197 -10.60 10.84 -9.79
C LYS A 197 -10.87 11.82 -8.62
N GLY A 198 -10.20 12.96 -8.63
CA GLY A 198 -10.23 13.90 -7.52
C GLY A 198 -8.81 14.19 -7.03
N THR A 199 -7.97 13.17 -7.04
CA THR A 199 -6.63 13.29 -6.45
C THR A 199 -5.55 13.67 -7.46
N GLU A 200 -5.92 14.10 -8.67
CA GLU A 200 -4.90 14.33 -9.72
C GLU A 200 -4.04 15.59 -9.55
N ASP A 201 -4.55 16.57 -8.83
CA ASP A 201 -3.74 17.74 -8.52
C ASP A 201 -2.55 17.32 -7.64
N LYS A 202 -2.84 16.50 -6.63
CA LYS A 202 -1.82 15.96 -5.74
C LYS A 202 -0.68 15.29 -6.50
N VAL A 203 -1.03 14.44 -7.45
CA VAL A 203 -0.05 13.76 -8.29
C VAL A 203 0.88 14.75 -8.97
N VAL A 204 0.27 15.79 -9.56
CA VAL A 204 0.99 16.81 -10.32
C VAL A 204 2.03 17.44 -9.43
N ASP A 205 1.60 17.79 -8.23
CA ASP A 205 2.51 18.42 -7.29
C ASP A 205 3.73 17.54 -7.13
N VAL A 206 3.48 16.30 -6.73
CA VAL A 206 4.55 15.33 -6.57
C VAL A 206 5.56 15.49 -7.68
N VAL A 207 5.07 15.51 -8.92
CA VAL A 207 5.93 15.65 -10.12
C VAL A 207 6.53 17.05 -10.32
N ARG A 208 5.76 18.10 -10.06
CA ARG A 208 6.37 19.42 -10.01
C ARG A 208 7.35 19.46 -8.84
N ASN A 209 7.61 18.32 -8.23
CA ASN A 209 8.67 18.15 -7.26
C ASN A 209 8.34 18.90 -6.00
N LEU A 210 7.09 18.78 -5.60
CA LEU A 210 6.54 19.66 -4.58
C LEU A 210 6.17 18.96 -3.28
N VAL A 211 6.23 17.62 -3.20
CA VAL A 211 5.95 16.98 -1.90
C VAL A 211 7.15 16.25 -1.30
N PHE A 212 7.89 15.51 -2.14
CA PHE A 212 9.17 15.02 -1.71
C PHE A 212 10.13 15.53 -2.73
N HIS A 213 11.19 16.18 -2.26
CA HIS A 213 12.06 16.88 -3.15
C HIS A 213 13.22 16.00 -3.61
N LEU A 214 13.47 16.01 -4.91
CA LEU A 214 14.65 15.42 -5.51
C LEU A 214 15.41 16.55 -6.15
N LYS A 215 16.72 16.46 -6.18
CA LYS A 215 17.50 17.44 -6.92
C LYS A 215 17.22 17.29 -8.43
N LYS A 216 17.32 16.07 -8.96
CA LYS A 216 17.16 15.87 -10.40
C LYS A 216 15.71 15.78 -10.86
N GLY A 217 14.80 15.68 -9.91
CA GLY A 217 13.42 15.92 -10.19
C GLY A 217 12.74 14.73 -10.81
N TYR A 218 11.45 14.90 -11.16
CA TYR A 218 10.56 13.79 -11.49
C TYR A 218 10.23 13.67 -12.98
N MET A 219 9.79 12.47 -13.39
CA MET A 219 9.16 12.24 -14.69
C MET A 219 7.89 11.43 -14.47
N ILE A 220 7.06 11.32 -15.49
CA ILE A 220 5.87 10.51 -15.40
C ILE A 220 5.55 9.96 -16.78
N VAL A 221 5.06 8.72 -16.77
CA VAL A 221 4.84 7.95 -17.98
C VAL A 221 3.68 7.03 -17.78
N LYS A 222 3.27 6.35 -18.84
CA LYS A 222 2.29 5.35 -18.69
C LYS A 222 2.67 4.21 -19.59
N CYS A 223 2.68 3.01 -19.02
CA CYS A 223 3.05 1.83 -19.74
C CYS A 223 1.89 0.86 -19.85
N ARG A 224 2.14 -0.18 -20.64
CA ARG A 224 1.16 -1.19 -20.84
C ARG A 224 0.52 -1.62 -19.53
N GLY A 225 -0.78 -1.38 -19.44
CA GLY A 225 -1.62 -2.05 -18.42
C GLY A 225 -1.61 -3.54 -18.71
N GLN A 226 -1.92 -4.33 -17.71
CA GLN A 226 -1.76 -5.75 -17.84
C GLN A 226 -2.55 -6.25 -19.00
N GLN A 227 -3.74 -5.71 -19.25
CA GLN A 227 -4.52 -6.17 -20.39
C GLN A 227 -3.66 -6.06 -21.62
N GLU A 228 -3.05 -4.89 -21.81
CA GLU A 228 -2.29 -4.56 -23.03
C GLU A 228 -1.08 -5.46 -23.24
N ILE A 229 -0.53 -6.00 -22.16
CA ILE A 229 0.51 -7.02 -22.21
C ILE A 229 -0.07 -8.35 -22.74
N GLN A 230 -1.19 -8.79 -22.18
CA GLN A 230 -1.86 -9.98 -22.68
C GLN A 230 -2.20 -9.80 -24.15
N ASP A 231 -2.58 -8.60 -24.53
CA ASP A 231 -2.87 -8.33 -25.95
C ASP A 231 -1.60 -8.00 -26.78
N GLN A 232 -0.41 -8.24 -26.22
CA GLN A 232 0.86 -8.27 -26.96
C GLN A 232 1.17 -6.95 -27.68
N LEU A 233 0.66 -5.86 -27.18
CA LEU A 233 0.67 -4.61 -27.91
C LEU A 233 2.08 -4.17 -28.32
N SER A 234 2.22 -3.81 -29.58
CA SER A 234 3.44 -3.24 -30.12
C SER A 234 3.95 -2.07 -29.29
N LEU A 235 5.25 -1.97 -29.05
CA LEU A 235 5.79 -0.85 -28.25
C LEU A 235 5.38 0.46 -28.86
N SER A 236 5.68 0.63 -30.14
CA SER A 236 5.36 1.85 -30.84
C SER A 236 3.90 2.23 -30.66
N GLU A 237 3.01 1.24 -30.61
CA GLU A 237 1.60 1.49 -30.33
C GLU A 237 1.44 2.02 -28.90
N ALA A 238 2.19 1.44 -27.98
CA ALA A 238 2.14 1.86 -26.57
C ALA A 238 2.65 3.29 -26.44
N LEU A 239 3.78 3.58 -27.05
CA LEU A 239 4.28 4.96 -27.09
C LEU A 239 3.27 5.97 -27.71
N GLN A 240 2.59 5.56 -28.76
CA GLN A 240 1.49 6.34 -29.28
C GLN A 240 0.53 6.71 -28.15
N ARG A 241 -0.11 5.72 -27.55
CA ARG A 241 -1.10 5.98 -26.47
C ARG A 241 -0.58 7.00 -25.44
N GLU A 242 0.50 6.64 -24.75
CA GLU A 242 1.12 7.56 -23.81
C GLU A 242 0.94 9.04 -24.30
N LYS A 243 1.29 9.33 -25.55
CA LYS A 243 1.14 10.70 -26.09
C LYS A 243 -0.33 11.16 -26.04
N ILE A 244 -1.22 10.47 -26.74
CA ILE A 244 -2.65 10.61 -26.54
C ILE A 244 -3.02 10.79 -25.04
N PHE A 245 -2.61 9.84 -24.22
CA PHE A 245 -3.04 9.83 -22.82
C PHE A 245 -2.77 11.18 -22.15
N PHE A 246 -1.53 11.63 -22.21
CA PHE A 246 -1.16 12.94 -21.66
C PHE A 246 -1.76 14.13 -22.44
N GLU A 247 -1.68 14.06 -23.79
CA GLU A 247 -2.20 15.09 -24.69
C GLU A 247 -3.63 15.54 -24.37
N ASN A 248 -4.51 14.58 -24.07
CA ASN A 248 -5.90 14.89 -23.87
C ASN A 248 -6.32 14.85 -22.42
N HIS A 249 -5.36 14.70 -21.52
CA HIS A 249 -5.70 14.47 -20.13
C HIS A 249 -5.58 15.71 -19.29
N PRO A 250 -6.68 16.18 -18.63
CA PRO A 250 -6.72 17.60 -18.10
C PRO A 250 -5.59 18.01 -17.16
N TYR A 251 -5.56 17.46 -15.96
CA TYR A 251 -4.53 17.84 -15.01
C TYR A 251 -3.13 17.68 -15.66
N PHE A 252 -2.89 16.48 -16.22
CA PHE A 252 -1.56 16.05 -16.68
C PHE A 252 -1.07 16.59 -18.02
N ARG A 253 -1.93 17.24 -18.79
CA ARG A 253 -1.47 18.00 -19.99
C ARG A 253 -0.20 18.76 -19.63
N ASP A 254 -0.34 19.56 -18.59
CA ASP A 254 0.72 20.45 -18.18
C ASP A 254 2.06 19.73 -18.08
N LEU A 255 2.07 18.67 -17.28
CA LEU A 255 3.30 17.94 -17.01
C LEU A 255 4.03 17.49 -18.27
N LEU A 256 3.24 17.20 -19.29
CA LEU A 256 3.79 16.95 -20.61
C LEU A 256 4.43 18.22 -21.08
N GLU A 257 3.61 19.27 -21.21
CA GLU A 257 4.07 20.51 -21.82
C GLU A 257 5.27 21.10 -21.10
N GLU A 258 5.54 20.61 -19.90
CA GLU A 258 6.66 21.05 -19.08
C GLU A 258 7.91 20.21 -19.29
N GLY A 259 7.88 19.33 -20.28
CA GLY A 259 9.00 18.38 -20.49
C GLY A 259 9.18 17.36 -19.36
N LYS A 260 8.08 17.13 -18.64
CA LYS A 260 8.13 16.35 -17.41
C LYS A 260 7.25 15.10 -17.47
N ALA A 261 6.75 14.79 -18.67
CA ALA A 261 5.96 13.60 -18.90
C ALA A 261 6.37 12.99 -20.22
N THR A 262 6.01 11.73 -20.38
CA THR A 262 6.33 10.88 -21.57
C THR A 262 7.65 10.15 -21.42
N VAL A 263 7.88 9.15 -22.25
CA VAL A 263 9.10 8.35 -22.17
C VAL A 263 10.17 9.01 -23.01
N PRO A 264 9.85 9.34 -24.27
CA PRO A 264 10.86 10.01 -25.04
C PRO A 264 11.41 11.23 -24.33
N SER A 265 10.63 11.81 -23.43
CA SER A 265 11.18 12.80 -22.54
C SER A 265 12.22 12.11 -21.66
N LEU A 266 11.78 11.19 -20.82
CA LEU A 266 12.72 10.46 -19.95
C LEU A 266 13.98 9.92 -20.63
N ALA A 267 13.81 9.37 -21.82
CA ALA A 267 14.93 8.95 -22.61
C ALA A 267 15.89 10.14 -22.70
N GLU A 268 15.41 11.27 -23.26
CA GLU A 268 16.20 12.48 -23.44
C GLU A 268 16.83 12.94 -22.14
N LYS A 269 15.98 13.00 -21.10
CA LYS A 269 16.38 13.37 -19.74
C LYS A 269 17.57 12.55 -19.25
N LEU A 270 17.38 11.22 -19.19
CA LEU A 270 18.44 10.27 -18.89
C LEU A 270 19.72 10.46 -19.70
N THR A 271 19.57 10.60 -21.01
CA THR A 271 20.75 10.78 -21.86
C THR A 271 21.64 11.91 -21.30
N SER A 272 21.06 13.10 -21.09
CA SER A 272 21.80 14.21 -20.50
C SER A 272 22.48 13.74 -19.20
N GLU A 273 21.70 13.11 -18.33
CA GLU A 273 22.20 12.62 -17.05
C GLU A 273 23.37 11.70 -17.13
N LEU A 274 23.26 10.80 -18.08
CA LEU A 274 24.24 9.78 -18.28
C LEU A 274 25.55 10.45 -18.61
N ILE A 275 25.50 11.41 -19.53
CA ILE A 275 26.68 12.18 -19.99
C ILE A 275 27.43 12.86 -18.84
N THR A 276 26.67 13.30 -17.85
CA THR A 276 27.23 13.89 -16.66
C THR A 276 28.30 12.98 -16.04
N HIS A 277 27.95 11.71 -15.83
CA HIS A 277 28.83 10.77 -15.13
C HIS A 277 30.09 10.32 -15.85
N ILE A 278 29.97 10.16 -17.16
CA ILE A 278 31.15 9.95 -17.96
C ILE A 278 32.12 11.08 -17.62
N SER A 279 31.65 12.32 -17.78
CA SER A 279 32.47 13.47 -17.52
C SER A 279 32.89 13.41 -16.07
N LYS A 280 31.97 12.99 -15.22
CA LYS A 280 32.25 12.96 -13.80
C LYS A 280 33.30 11.88 -13.43
N SER A 281 33.12 10.68 -13.99
CA SER A 281 33.86 9.46 -13.59
C SER A 281 35.14 9.17 -14.39
N LEU A 282 35.40 10.01 -15.39
CA LEU A 282 36.56 9.82 -16.28
C LEU A 282 37.95 9.76 -15.65
N PRO A 283 38.18 10.36 -14.44
CA PRO A 283 39.59 10.41 -14.01
C PRO A 283 40.14 9.06 -13.61
N LEU A 284 39.25 8.12 -13.32
CA LEU A 284 39.64 6.85 -12.76
C LEU A 284 40.16 5.94 -13.87
N LEU A 285 39.83 6.30 -15.11
CA LEU A 285 40.10 5.48 -16.26
C LEU A 285 41.38 6.05 -16.90
N UNK A 286 41.62 7.34 -16.70
CA UNK A 286 42.94 7.93 -16.95
C UNK A 286 43.96 7.21 -16.07
N UNK A 287 43.56 6.92 -14.81
CA UNK A 287 44.39 6.11 -13.91
C UNK A 287 44.68 4.71 -14.51
N UNK A 288 43.63 4.05 -15.02
CA UNK A 288 43.79 2.71 -15.67
C UNK A 288 44.59 2.76 -16.99
N UNK A 289 44.54 3.91 -17.66
CA UNK A 289 45.37 4.17 -18.83
C UNK A 289 46.84 4.06 -18.45
N UNK A 290 47.18 4.50 -17.24
CA UNK A 290 48.55 4.31 -16.77
C UNK A 290 48.88 2.83 -16.83
N UNK A 291 48.05 2.00 -16.20
CA UNK A 291 48.23 0.54 -16.21
C UNK A 291 48.43 0.05 -17.62
N UNK A 292 47.52 0.44 -18.51
CA UNK A 292 47.57 0.07 -19.92
C UNK A 292 48.89 0.51 -20.60
N UNK A 293 49.24 1.79 -20.43
CA UNK A 293 50.52 2.30 -20.93
C UNK A 293 51.72 1.48 -20.41
N UNK A 294 51.77 1.20 -19.10
CA UNK A 294 52.89 0.44 -18.51
C UNK A 294 52.91 -1.01 -18.99
N UNK A 295 51.72 -1.57 -19.23
CA UNK A 295 51.62 -2.90 -19.85
C UNK A 295 52.11 -2.82 -21.30
N UNK A 296 51.74 -1.76 -22.01
CA UNK A 296 52.16 -1.55 -23.39
C UNK A 296 53.66 -1.29 -23.49
N UNK A 297 54.26 -0.63 -22.49
CA UNK A 297 55.71 -0.34 -22.51
C UNK A 297 56.52 -1.64 -22.51
N UNK A 298 55.95 -2.71 -21.96
CA UNK A 298 56.49 -4.07 -22.16
C UNK A 298 56.60 -4.49 -23.64
N UNK A 299 55.59 -4.19 -24.46
CA UNK A 299 55.60 -4.49 -25.91
C UNK A 299 56.77 -3.80 -26.61
N UNK A 300 56.98 -2.53 -26.25
CA UNK A 300 58.05 -1.71 -26.85
C UNK A 300 59.40 -2.13 -26.27
N UNK A 301 59.41 -2.49 -24.98
CA UNK A 301 60.61 -3.04 -24.33
C UNK A 301 61.05 -4.39 -24.95
N UNK A 302 60.10 -5.16 -25.49
CA UNK A 302 60.39 -6.46 -26.14
C UNK A 302 61.08 -6.28 -27.49
N UNK A 303 60.65 -5.27 -28.26
CA UNK A 303 61.30 -4.87 -29.50
C UNK A 303 62.56 -4.02 -29.22
N PRO B 9 -31.64 -9.15 18.56
CA PRO B 9 -31.39 -10.15 19.62
C PRO B 9 -29.96 -10.10 20.17
N CYS B 10 -29.08 -10.95 19.67
CA CYS B 10 -27.71 -11.07 20.17
C CYS B 10 -26.98 -9.74 20.00
N ILE B 11 -27.48 -8.94 19.05
CA ILE B 11 -27.04 -7.58 18.87
C ILE B 11 -27.45 -6.71 20.07
N ASP B 12 -28.52 -7.10 20.75
CA ASP B 12 -28.90 -6.48 22.03
C ASP B 12 -28.50 -7.32 23.22
N LEU B 13 -27.78 -8.41 22.95
CA LEU B 13 -27.29 -9.27 23.98
C LEU B 13 -26.36 -8.45 24.86
N ILE B 14 -25.57 -7.64 24.21
CA ILE B 14 -24.64 -6.83 24.92
C ILE B 14 -25.34 -5.83 25.81
N ASP B 15 -26.46 -5.26 25.35
CA ASP B 15 -27.13 -4.27 26.16
C ASP B 15 -27.68 -4.90 27.39
N SER B 16 -28.10 -6.15 27.28
CA SER B 16 -28.58 -6.91 28.43
C SER B 16 -27.47 -7.09 29.43
N LEU B 17 -26.30 -7.36 28.93
CA LEU B 17 -25.16 -7.55 29.77
C LEU B 17 -24.88 -6.22 30.45
N ARG B 18 -24.97 -5.17 29.69
CA ARG B 18 -24.70 -3.84 30.19
C ARG B 18 -25.66 -3.59 31.32
N ALA B 19 -26.85 -4.13 31.14
CA ALA B 19 -27.85 -4.19 32.18
C ALA B 19 -27.40 -5.07 33.36
N LEU B 20 -26.62 -6.11 33.13
CA LEU B 20 -26.16 -6.94 34.25
C LEU B 20 -24.89 -6.35 34.85
N GLY B 21 -24.45 -5.21 34.37
CA GLY B 21 -23.35 -4.52 34.98
C GLY B 21 -22.02 -5.22 34.77
N VAL B 22 -21.94 -6.03 33.75
CA VAL B 22 -20.71 -6.75 33.47
C VAL B 22 -19.95 -6.16 32.29
N GLU B 23 -20.46 -5.07 31.74
CA GLU B 23 -19.80 -4.47 30.60
C GLU B 23 -18.50 -3.84 31.03
N GLN B 24 -18.52 -3.21 32.20
CA GLN B 24 -17.27 -2.69 32.75
C GLN B 24 -16.41 -3.90 32.98
N ASP B 25 -16.99 -4.81 33.76
CA ASP B 25 -16.27 -5.96 34.28
C ASP B 25 -15.78 -6.91 33.19
N LEU B 26 -16.52 -7.04 32.08
CA LEU B 26 -15.89 -7.51 30.85
C LEU B 26 -16.36 -6.76 29.64
N ALA B 27 -15.43 -6.01 29.05
CA ALA B 27 -15.63 -5.30 27.80
C ALA B 27 -14.67 -5.92 26.81
N LEU B 28 -15.19 -6.18 25.63
CA LEU B 28 -14.49 -7.00 24.71
C LEU B 28 -13.65 -6.09 23.85
N PRO B 29 -13.04 -6.65 22.78
CA PRO B 29 -11.99 -5.85 22.24
C PRO B 29 -12.38 -4.59 21.47
N ALA B 30 -11.40 -3.72 21.34
CA ALA B 30 -11.39 -2.59 20.42
C ALA B 30 -10.99 -3.08 19.05
N ILE B 31 -11.10 -2.22 18.04
CA ILE B 31 -10.70 -2.61 16.70
C ILE B 31 -9.80 -1.53 16.12
N ALA B 32 -8.60 -1.91 15.73
CA ALA B 32 -7.63 -0.97 15.22
C ALA B 32 -7.56 -1.11 13.74
N VAL B 33 -7.36 0.00 13.05
CA VAL B 33 -7.13 -0.08 11.64
C VAL B 33 -5.69 0.35 11.38
N ILE B 34 -4.88 -0.59 10.92
CA ILE B 34 -3.47 -0.33 10.60
C ILE B 34 -3.21 -0.55 9.12
N GLY B 35 -2.36 0.29 8.54
CA GLY B 35 -2.05 0.16 7.12
C GLY B 35 -1.27 1.35 6.63
N ASP B 36 -0.96 1.38 5.34
CA ASP B 36 -0.20 2.47 4.77
C ASP B 36 -1.00 3.77 4.71
N GLN B 37 -0.28 4.87 4.61
CA GLN B 37 -0.85 6.17 4.27
C GLN B 37 -1.83 6.04 3.14
N SER B 38 -2.93 6.75 3.21
CA SER B 38 -3.97 6.71 2.13
C SER B 38 -4.21 5.29 1.68
N SER B 39 -4.70 4.45 2.58
CA SER B 39 -5.11 3.11 2.19
C SER B 39 -6.57 2.91 2.49
N GLY B 40 -7.22 3.97 2.97
CA GLY B 40 -8.68 3.93 3.16
C GLY B 40 -9.11 3.51 4.56
N LYS B 41 -8.19 3.51 5.53
CA LYS B 41 -8.52 2.98 6.83
C LYS B 41 -9.56 3.80 7.60
N SER B 42 -9.38 5.11 7.74
CA SER B 42 -10.48 5.97 8.27
C SER B 42 -11.83 5.71 7.54
N SER B 43 -11.78 5.60 6.21
CA SER B 43 -12.96 5.26 5.41
C SER B 43 -13.68 3.96 5.84
N VAL B 44 -12.92 2.93 6.17
CA VAL B 44 -13.52 1.75 6.80
C VAL B 44 -14.19 2.13 8.13
N LEU B 45 -13.44 2.66 9.07
CA LEU B 45 -14.00 3.05 10.34
C LEU B 45 -15.22 3.96 10.23
N GLU B 46 -15.22 4.86 9.28
CA GLU B 46 -16.37 5.72 9.07
C GLU B 46 -17.51 4.88 8.52
N ALA B 47 -17.19 3.97 7.61
CA ALA B 47 -18.20 3.07 7.03
C ALA B 47 -18.96 2.24 8.05
N LEU B 48 -18.27 1.79 9.10
CA LEU B 48 -18.88 0.98 10.17
C LEU B 48 -19.55 1.86 11.21
N SER B 49 -18.89 2.94 11.57
CA SER B 49 -19.41 3.83 12.59
C SER B 49 -20.52 4.76 12.09
N GLY B 50 -20.53 5.03 10.80
CA GLY B 50 -21.35 6.10 10.27
C GLY B 50 -21.07 7.41 10.96
N VAL B 51 -19.81 7.65 11.35
CA VAL B 51 -19.40 8.94 11.89
C VAL B 51 -18.24 9.51 11.10
N ALA B 52 -18.13 10.83 11.09
CA ALA B 52 -17.47 11.54 10.01
C ALA B 52 -15.95 11.66 10.07
N LEU B 53 -15.30 10.74 10.78
CA LEU B 53 -13.84 10.75 10.85
C LEU B 53 -13.16 11.36 9.62
N PRO B 54 -12.18 12.25 9.83
CA PRO B 54 -11.50 12.81 8.67
C PRO B 54 -10.87 11.75 7.73
N ARG B 55 -11.43 11.67 6.51
CA ARG B 55 -10.93 10.87 5.39
C ARG B 55 -10.41 11.73 4.25
N GLY B 56 -9.28 11.36 3.63
CA GLY B 56 -8.88 12.07 2.45
C GLY B 56 -7.58 11.71 1.76
N SER B 57 -7.16 12.65 0.91
CA SER B 57 -5.90 12.63 0.20
C SER B 57 -4.77 13.01 1.12
N GLY B 58 -3.69 12.24 1.07
CA GLY B 58 -2.47 12.56 1.78
C GLY B 58 -2.54 12.19 3.25
N ILE B 59 -1.99 13.05 4.08
CA ILE B 59 -1.88 12.84 5.53
C ILE B 59 -3.13 13.36 6.27
N VAL B 60 -4.05 12.44 6.62
CA VAL B 60 -5.34 12.86 7.13
C VAL B 60 -5.68 12.37 8.51
N THR B 61 -5.07 11.30 8.96
CA THR B 61 -5.23 10.93 10.34
C THR B 61 -3.88 11.23 10.92
N ARG B 62 -3.84 12.19 11.83
CA ARG B 62 -2.59 12.79 12.28
C ARG B 62 -2.38 12.64 13.80
N CYS B 63 -3.06 11.66 14.41
CA CYS B 63 -2.85 11.17 15.80
C CYS B 63 -4.02 10.26 16.21
N PRO B 64 -3.79 9.35 17.18
CA PRO B 64 -4.74 8.27 17.40
C PRO B 64 -6.07 8.75 17.96
N LEU B 65 -7.15 8.10 17.54
CA LEU B 65 -8.48 8.44 17.98
C LEU B 65 -9.21 7.16 18.39
N VAL B 66 -9.76 7.16 19.60
CA VAL B 66 -10.64 6.10 20.00
C VAL B 66 -12.08 6.53 19.86
N LEU B 67 -12.83 5.71 19.16
CA LEU B 67 -14.20 5.96 18.99
C LEU B 67 -14.95 4.98 19.87
N LYS B 68 -15.68 5.50 20.86
CA LYS B 68 -16.52 4.68 21.73
C LYS B 68 -17.98 4.86 21.35
N LEU B 69 -18.54 3.87 20.68
CA LEU B 69 -19.93 3.91 20.26
C LEU B 69 -20.79 3.12 21.21
N LYS B 70 -21.96 3.68 21.52
CA LYS B 70 -22.93 3.04 22.40
C LYS B 70 -24.32 3.23 21.84
N LYS B 71 -24.99 2.09 21.66
CA LYS B 71 -26.38 2.03 21.22
C LYS B 71 -27.30 2.68 22.25
N LEU B 72 -28.40 3.22 21.75
CA LEU B 72 -29.52 3.57 22.62
C LEU B 72 -30.82 2.84 22.27
N VAL B 73 -31.35 2.16 23.27
CA VAL B 73 -32.60 1.42 23.20
C VAL B 73 -33.68 2.08 24.06
N ASN B 74 -33.29 3.13 24.80
CA ASN B 74 -34.18 3.84 25.68
C ASN B 74 -34.53 5.27 25.21
N GLU B 75 -33.64 6.26 25.41
CA GLU B 75 -34.04 7.67 25.21
C GLU B 75 -34.14 8.00 23.73
N ASP B 76 -33.20 7.50 22.93
CA ASP B 76 -33.21 7.69 21.48
C ASP B 76 -33.01 9.15 21.07
N LYS B 77 -31.78 9.66 21.24
CA LYS B 77 -31.45 11.07 20.97
C LYS B 77 -29.93 11.25 20.99
N TRP B 78 -29.41 12.07 20.09
CA TRP B 78 -27.97 12.05 19.75
C TRP B 78 -27.05 12.69 20.79
N ARG B 79 -25.84 12.14 20.90
CA ARG B 79 -24.85 12.61 21.85
C ARG B 79 -23.48 12.44 21.26
N GLY B 80 -22.58 13.34 21.58
CA GLY B 80 -21.20 13.25 21.11
C GLY B 80 -20.29 14.14 21.92
N LYS B 81 -19.11 13.63 22.26
CA LYS B 81 -18.15 14.37 23.06
C LYS B 81 -16.72 14.02 22.70
N VAL B 82 -15.85 15.02 22.74
CA VAL B 82 -14.43 14.83 22.46
C VAL B 82 -13.65 15.08 23.73
N SER B 83 -12.50 14.44 23.88
CA SER B 83 -11.66 14.66 25.06
C SER B 83 -10.16 14.55 24.76
N TYR B 84 -9.34 15.46 25.32
CA TYR B 84 -7.87 15.42 25.18
C TYR B 84 -7.17 16.50 26.05
N GLN B 85 -6.10 16.10 26.73
CA GLN B 85 -5.23 17.02 27.48
C GLN B 85 -5.90 17.88 28.56
N ASP B 86 -6.56 18.97 28.13
CA ASP B 86 -7.30 19.87 29.03
C ASP B 86 -8.75 19.82 28.72
N TYR B 87 -9.09 19.45 27.49
CA TYR B 87 -10.46 19.61 27.03
C TYR B 87 -11.29 18.33 27.11
N GLU B 88 -12.56 18.53 27.43
CA GLU B 88 -13.61 17.56 27.25
C GLU B 88 -14.71 18.37 26.60
N ILE B 89 -14.60 18.54 25.30
CA ILE B 89 -15.53 19.38 24.56
C ILE B 89 -16.78 18.64 24.11
N GLU B 90 -17.92 19.30 24.29
CA GLU B 90 -19.22 18.76 23.91
C GLU B 90 -19.52 19.10 22.46
N ILE B 91 -20.10 18.14 21.75
CA ILE B 91 -20.53 18.38 20.37
C ILE B 91 -22.01 18.21 20.31
N SER B 92 -22.69 19.25 19.81
CA SER B 92 -24.16 19.25 19.81
C SER B 92 -24.76 18.92 18.43
N ASP B 93 -24.00 18.32 17.54
CA ASP B 93 -24.50 17.96 16.20
C ASP B 93 -23.55 16.99 15.48
N ALA B 94 -24.10 15.97 14.81
CA ALA B 94 -23.28 15.06 14.04
C ALA B 94 -22.55 15.77 12.91
N SER B 95 -23.19 16.81 12.36
CA SER B 95 -22.55 17.75 11.42
C SER B 95 -21.15 18.18 11.85
N GLU B 96 -21.03 18.50 13.13
CA GLU B 96 -19.81 19.08 13.67
C GLU B 96 -18.64 18.12 13.87
N VAL B 97 -18.86 16.83 13.68
CA VAL B 97 -17.88 15.86 14.11
C VAL B 97 -16.53 16.05 13.40
N GLU B 98 -16.51 16.00 12.06
CA GLU B 98 -15.25 16.10 11.29
C GLU B 98 -14.55 17.46 11.59
N LYS B 99 -15.33 18.54 11.52
CA LYS B 99 -14.83 19.85 11.89
C LYS B 99 -14.10 19.81 13.23
N GLU B 100 -14.73 19.19 14.21
CA GLU B 100 -14.17 19.10 15.57
C GLU B 100 -12.97 18.20 15.66
N ILE B 101 -13.03 17.07 14.97
CA ILE B 101 -11.91 16.17 15.04
C ILE B 101 -10.65 16.87 14.48
N ASN B 102 -10.80 17.65 13.40
CA ASN B 102 -9.66 18.41 12.90
C ASN B 102 -9.20 19.53 13.83
N LYS B 103 -10.14 20.14 14.54
CA LYS B 103 -9.78 21.06 15.61
C LYS B 103 -8.88 20.38 16.62
N ALA B 104 -9.33 19.24 17.11
CA ALA B 104 -8.53 18.45 18.04
C ALA B 104 -7.13 18.19 17.47
N GLN B 105 -7.07 17.64 16.26
CA GLN B 105 -5.80 17.35 15.59
C GLN B 105 -4.87 18.56 15.54
N ASN B 106 -5.35 19.66 14.95
CA ASN B 106 -4.59 20.91 14.91
C ASN B 106 -4.08 21.27 16.26
N ALA B 107 -4.98 21.32 17.22
CA ALA B 107 -4.62 21.64 18.60
C ALA B 107 -3.46 20.78 19.09
N ILE B 108 -3.61 19.47 18.89
CA ILE B 108 -2.78 18.47 19.56
C ILE B 108 -1.51 18.12 18.82
N ALA B 109 -1.58 18.00 17.49
CA ALA B 109 -0.46 17.54 16.67
C ALA B 109 0.35 18.68 16.09
N GLY B 110 -0.25 19.88 16.05
CA GLY B 110 0.48 21.10 15.75
C GLY B 110 0.23 21.67 14.38
N GLU B 111 -0.92 21.35 13.78
CA GLU B 111 -1.46 22.19 12.70
C GLU B 111 -0.76 22.03 11.34
N GLY B 112 0.42 21.41 11.28
CA GLY B 112 1.06 21.08 10.01
C GLY B 112 0.74 19.68 9.51
N MET B 113 1.79 18.89 9.31
CA MET B 113 1.66 17.51 8.87
C MET B 113 2.45 16.57 9.78
N GLY B 114 2.83 17.07 10.95
CA GLY B 114 3.38 16.23 12.01
C GLY B 114 2.30 15.59 12.84
N ILE B 115 2.64 14.50 13.52
CA ILE B 115 1.68 13.72 14.27
C ILE B 115 2.01 13.75 15.77
N SER B 116 1.24 13.04 16.58
CA SER B 116 1.48 12.97 18.02
C SER B 116 1.01 11.64 18.62
N HIS B 117 1.62 11.21 19.74
CA HIS B 117 1.14 10.01 20.45
C HIS B 117 -0.21 10.28 21.09
N GLU B 118 -0.46 11.54 21.44
CA GLU B 118 -1.54 11.91 22.33
C GLU B 118 -2.92 11.52 21.77
N LEU B 119 -3.67 10.77 22.55
CA LEU B 119 -4.93 10.16 22.10
C LEU B 119 -6.08 11.12 22.08
N ILE B 120 -6.98 10.90 21.14
CA ILE B 120 -8.24 11.61 21.11
C ILE B 120 -9.31 10.63 21.51
N THR B 121 -10.28 11.10 22.28
CA THR B 121 -11.36 10.25 22.70
C THR B 121 -12.68 10.87 22.31
N LEU B 122 -13.28 10.26 21.28
CA LEU B 122 -14.63 10.53 20.85
C LEU B 122 -15.51 9.48 21.49
N GLU B 123 -16.59 9.92 22.12
CA GLU B 123 -17.60 9.04 22.70
C GLU B 123 -18.92 9.44 22.08
N ILE B 124 -19.53 8.54 21.32
CA ILE B 124 -20.82 8.84 20.72
C ILE B 124 -21.89 7.85 21.14
N SER B 125 -23.05 8.40 21.47
CA SER B 125 -24.16 7.62 21.95
C SER B 125 -25.37 7.98 21.11
N SER B 126 -25.93 6.99 20.44
CA SER B 126 -26.95 7.24 19.42
C SER B 126 -27.80 5.99 19.20
N ARG B 127 -28.89 6.17 18.48
CA ARG B 127 -29.78 5.07 18.12
C ARG B 127 -29.16 4.21 17.02
N ASP B 128 -28.69 4.88 15.97
CA ASP B 128 -28.32 4.23 14.72
C ASP B 128 -26.98 3.50 14.78
N VAL B 129 -26.09 3.95 15.66
CA VAL B 129 -24.73 3.40 15.73
C VAL B 129 -24.70 2.14 16.59
N PRO B 130 -23.84 1.16 16.24
CA PRO B 130 -23.74 -0.08 17.01
C PRO B 130 -22.95 0.11 18.31
N ASP B 131 -23.04 -0.85 19.22
CA ASP B 131 -22.14 -0.89 20.37
C ASP B 131 -20.78 -1.33 19.86
N LEU B 132 -19.76 -0.48 20.01
CA LEU B 132 -18.44 -0.80 19.49
C LEU B 132 -17.33 0.13 19.93
N THR B 133 -16.11 -0.38 19.86
CA THR B 133 -14.93 0.45 20.05
C THR B 133 -13.96 0.25 18.90
N LEU B 134 -13.64 1.38 18.26
CA LEU B 134 -12.79 1.44 17.08
C LEU B 134 -11.66 2.40 17.33
N ILE B 135 -10.55 2.21 16.62
CA ILE B 135 -9.39 3.04 16.81
C ILE B 135 -8.76 3.40 15.48
N ASP B 136 -8.87 4.67 15.10
CA ASP B 136 -8.15 5.14 13.94
C ASP B 136 -6.75 5.47 14.39
N LEU B 137 -5.80 5.21 13.49
CA LEU B 137 -4.39 5.46 13.73
C LEU B 137 -3.82 5.96 12.42
N PRO B 138 -2.82 6.87 12.50
CA PRO B 138 -2.25 7.35 11.26
C PRO B 138 -1.67 6.25 10.36
N GLY B 139 -1.56 6.57 9.07
CA GLY B 139 -0.98 5.64 8.13
C GLY B 139 0.53 5.50 8.26
N ILE B 140 1.05 4.37 7.81
CA ILE B 140 2.47 4.14 7.80
C ILE B 140 3.02 4.90 6.62
N THR B 141 3.97 5.77 6.91
CA THR B 141 4.81 6.38 5.90
C THR B 141 6.23 5.86 6.13
N ARG B 142 7.02 5.90 5.08
CA ARG B 142 8.40 5.46 5.14
C ARG B 142 9.33 6.59 4.70
N VAL B 143 8.80 7.81 4.68
CA VAL B 143 9.56 8.97 4.21
C VAL B 143 8.95 10.25 4.76
N ALA B 144 9.80 11.09 5.36
CA ALA B 144 9.36 12.36 5.93
C ALA B 144 9.22 13.37 4.81
N VAL B 145 8.12 14.12 4.88
CA VAL B 145 7.78 15.09 3.86
C VAL B 145 7.30 16.40 4.51
N GLY B 146 7.38 17.48 3.75
CA GLY B 146 7.14 18.80 4.29
C GLY B 146 7.94 19.01 5.56
N ASN B 147 7.25 19.03 6.70
CA ASN B 147 7.84 19.49 7.96
C ASN B 147 8.02 18.42 9.04
N GLN B 148 7.93 17.15 8.69
CA GLN B 148 8.17 16.12 9.71
C GLN B 148 9.63 15.73 9.72
N PRO B 149 10.12 15.11 10.81
CA PRO B 149 11.50 14.71 10.91
C PRO B 149 11.77 13.28 10.44
N ALA B 150 13.05 12.99 10.20
CA ALA B 150 13.52 11.75 9.56
C ALA B 150 12.82 10.50 10.06
N ASP B 151 12.78 10.35 11.37
CA ASP B 151 12.30 9.12 12.02
C ASP B 151 10.77 9.09 12.20
N ILE B 152 10.05 9.95 11.48
CA ILE B 152 8.58 9.92 11.47
C ILE B 152 8.05 8.51 11.29
N GLY B 153 8.55 7.81 10.27
CA GLY B 153 8.06 6.49 9.94
C GLY B 153 8.10 5.61 11.17
N TYR B 154 9.24 5.62 11.85
CA TYR B 154 9.46 4.84 13.07
C TYR B 154 8.53 5.33 14.20
N LYS B 155 8.50 6.64 14.41
CA LYS B 155 7.59 7.20 15.40
C LYS B 155 6.20 6.59 15.27
N ILE B 156 5.70 6.56 14.05
CA ILE B 156 4.35 6.06 13.77
C ILE B 156 4.23 4.57 14.10
N LYS B 157 5.17 3.77 13.59
CA LYS B 157 5.18 2.33 13.87
C LYS B 157 5.17 2.05 15.37
N THR B 158 5.99 2.78 16.11
CA THR B 158 5.98 2.67 17.56
C THR B 158 4.57 2.93 18.06
N LEU B 159 4.00 4.04 17.63
CA LEU B 159 2.65 4.42 18.04
C LEU B 159 1.60 3.36 17.73
N ILE B 160 1.72 2.72 16.57
CA ILE B 160 0.78 1.68 16.18
C ILE B 160 0.97 0.43 17.02
N LYS B 161 2.20 -0.07 17.10
CA LYS B 161 2.47 -1.24 17.93
C LYS B 161 1.84 -1.04 19.31
N LYS B 162 1.97 0.18 19.84
CA LYS B 162 1.48 0.45 21.18
C LYS B 162 -0.01 0.22 21.35
N TYR B 163 -0.74 0.05 20.25
CA TYR B 163 -2.16 -0.31 20.32
C TYR B 163 -2.41 -1.77 19.96
N ILE B 164 -1.86 -2.21 18.84
CA ILE B 164 -2.10 -3.59 18.41
C ILE B 164 -1.47 -4.64 19.31
N GLN B 165 -0.47 -4.27 20.10
CA GLN B 165 0.14 -5.22 21.04
C GLN B 165 -0.82 -5.68 22.12
N ARG B 166 -1.81 -4.86 22.46
CA ARG B 166 -2.80 -5.25 23.47
C ARG B 166 -3.63 -6.40 22.95
N GLN B 167 -3.99 -7.31 23.85
CA GLN B 167 -4.77 -8.50 23.51
C GLN B 167 -6.18 -8.19 23.08
N GLU B 168 -6.67 -7.07 23.61
CA GLU B 168 -8.03 -6.61 23.33
C GLU B 168 -8.13 -6.15 21.88
N THR B 169 -7.03 -5.68 21.30
CA THR B 169 -7.09 -5.02 20.02
C THR B 169 -7.15 -5.98 18.82
N ILE B 170 -8.24 -5.88 18.05
CA ILE B 170 -8.39 -6.64 16.81
C ILE B 170 -7.78 -5.83 15.68
N SER B 171 -6.67 -6.30 15.15
CA SER B 171 -5.93 -5.59 14.13
C SER B 171 -6.66 -5.80 12.85
N LEU B 172 -6.99 -4.70 12.21
CA LEU B 172 -7.71 -4.76 10.97
C LEU B 172 -6.77 -4.21 9.93
N VAL B 173 -6.14 -5.07 9.15
CA VAL B 173 -5.16 -4.62 8.17
C VAL B 173 -5.83 -4.21 6.88
N VAL B 174 -5.49 -3.01 6.45
CA VAL B 174 -6.17 -2.34 5.39
C VAL B 174 -5.21 -2.15 4.25
N VAL B 175 -5.53 -2.80 3.13
CA VAL B 175 -4.69 -2.79 1.94
C VAL B 175 -5.51 -2.39 0.73
N PRO B 176 -4.93 -1.58 -0.15
CA PRO B 176 -5.69 -1.32 -1.37
C PRO B 176 -5.55 -2.48 -2.32
N SER B 177 -6.59 -2.74 -3.11
CA SER B 177 -6.61 -3.86 -4.05
C SER B 177 -5.63 -3.72 -5.19
N ASN B 178 -5.08 -2.51 -5.33
CA ASN B 178 -4.14 -2.19 -6.38
C ASN B 178 -2.67 -2.08 -5.91
N VAL B 179 -2.30 -2.82 -4.85
CA VAL B 179 -0.91 -3.01 -4.51
C VAL B 179 -0.68 -4.48 -4.25
N ASP B 180 0.47 -4.97 -4.71
CA ASP B 180 0.83 -6.35 -4.46
C ASP B 180 0.94 -6.53 -2.96
N ILE B 181 0.01 -7.32 -2.43
CA ILE B 181 -0.10 -7.63 -1.01
C ILE B 181 1.22 -7.91 -0.24
N ALA B 182 2.20 -8.51 -0.91
CA ALA B 182 3.52 -8.72 -0.31
C ALA B 182 4.21 -7.42 0.07
N THR B 183 3.71 -6.29 -0.39
CA THR B 183 4.30 -5.02 -0.03
C THR B 183 3.86 -4.58 1.36
N THR B 184 2.90 -5.29 1.93
CA THR B 184 2.10 -4.77 3.03
C THR B 184 2.74 -4.89 4.40
N GLU B 185 3.56 -3.90 4.71
CA GLU B 185 4.24 -3.74 6.01
C GLU B 185 3.40 -4.18 7.18
N ALA B 186 2.10 -3.85 7.14
CA ALA B 186 1.21 -4.04 8.27
C ALA B 186 0.90 -5.48 8.51
N LEU B 187 0.95 -6.30 7.49
CA LEU B 187 0.85 -7.75 7.70
C LEU B 187 2.02 -8.29 8.53
N SER B 188 3.23 -7.93 8.17
CA SER B 188 4.39 -8.27 8.96
C SER B 188 4.14 -7.76 10.35
N MET B 189 3.90 -6.46 10.48
CA MET B 189 3.65 -5.84 11.79
C MET B 189 2.58 -6.54 12.62
N ALA B 190 1.62 -7.16 11.96
CA ALA B 190 0.50 -7.83 12.65
C ALA B 190 0.89 -9.17 13.20
N GLN B 191 1.55 -9.99 12.40
CA GLN B 191 1.93 -11.32 12.86
C GLN B 191 3.05 -11.20 13.91
N GLU B 192 3.80 -10.12 13.86
CA GLU B 192 4.74 -9.82 14.94
C GLU B 192 4.02 -9.86 16.29
N VAL B 193 2.88 -9.18 16.36
CA VAL B 193 2.13 -9.04 17.61
C VAL B 193 0.91 -10.00 17.69
N ASP B 194 0.70 -10.81 16.65
CA ASP B 194 -0.35 -11.84 16.64
C ASP B 194 0.08 -13.00 15.76
N PRO B 195 1.04 -13.78 16.25
CA PRO B 195 1.64 -14.92 15.55
C PRO B 195 0.66 -15.93 14.94
N GLU B 196 -0.46 -16.20 15.60
CA GLU B 196 -1.47 -17.09 14.99
C GLU B 196 -2.79 -16.46 14.67
N GLY B 197 -2.74 -15.16 14.45
CA GLY B 197 -3.78 -14.46 13.73
C GLY B 197 -5.18 -14.53 14.30
N ASP B 198 -5.28 -14.65 15.63
CA ASP B 198 -6.58 -14.80 16.31
C ASP B 198 -7.21 -13.44 16.59
N ARG B 199 -6.57 -12.37 16.15
CA ARG B 199 -7.20 -11.07 16.22
C ARG B 199 -6.66 -10.29 15.06
N THR B 200 -6.87 -10.81 13.87
CA THR B 200 -6.34 -10.20 12.69
C THR B 200 -7.27 -10.48 11.51
N ILE B 201 -7.55 -9.43 10.73
CA ILE B 201 -8.40 -9.54 9.55
C ILE B 201 -7.84 -8.64 8.49
N GLY B 202 -7.88 -9.13 7.25
CA GLY B 202 -7.41 -8.35 6.10
C GLY B 202 -8.55 -7.71 5.36
N ILE B 203 -8.46 -6.41 5.14
CA ILE B 203 -9.46 -5.71 4.38
C ILE B 203 -8.86 -5.15 3.10
N LEU B 204 -9.55 -5.38 1.98
CA LEU B 204 -9.18 -4.80 0.72
C LEU B 204 -10.14 -3.72 0.42
N THR B 205 -9.63 -2.71 -0.25
CA THR B 205 -10.28 -1.42 -0.43
C THR B 205 -9.93 -0.97 -1.85
N LYS B 206 -10.54 0.10 -2.32
CA LYS B 206 -10.26 0.55 -3.69
C LYS B 206 -10.31 -0.59 -4.71
N PRO B 207 -11.29 -1.48 -4.60
CA PRO B 207 -11.34 -2.48 -5.62
C PRO B 207 -11.68 -1.84 -6.92
N ASP B 208 -12.36 -0.71 -6.90
CA ASP B 208 -12.72 -0.03 -8.14
C ASP B 208 -11.52 0.54 -8.91
N LEU B 209 -10.32 0.34 -8.39
CA LEU B 209 -9.13 0.94 -8.98
C LEU B 209 -8.07 -0.09 -9.32
N VAL B 210 -8.51 -1.23 -9.80
CA VAL B 210 -7.63 -2.30 -10.17
C VAL B 210 -7.35 -2.14 -11.67
N ASP B 211 -6.15 -2.55 -12.13
CA ASP B 211 -5.83 -2.60 -13.58
C ASP B 211 -6.60 -3.74 -14.22
N LYS B 212 -7.23 -3.47 -15.36
CA LYS B 212 -8.01 -4.51 -16.06
C LYS B 212 -7.06 -5.59 -16.47
N GLY B 213 -7.35 -6.81 -16.03
CA GLY B 213 -6.46 -7.95 -16.29
C GLY B 213 -6.03 -8.58 -14.98
N THR B 214 -5.86 -7.74 -13.95
CA THR B 214 -5.31 -8.15 -12.69
C THR B 214 -6.36 -8.59 -11.67
N GLU B 215 -7.62 -8.66 -12.06
CA GLU B 215 -8.67 -8.89 -11.06
C GLU B 215 -8.70 -10.31 -10.52
N ASP B 216 -8.17 -11.27 -11.28
CA ASP B 216 -8.07 -12.63 -10.78
C ASP B 216 -7.17 -12.67 -9.58
N LYS B 217 -6.03 -12.03 -9.73
CA LYS B 217 -5.06 -11.95 -8.66
C LYS B 217 -5.68 -11.43 -7.37
N VAL B 218 -6.39 -10.33 -7.47
CA VAL B 218 -7.04 -9.73 -6.31
C VAL B 218 -7.90 -10.77 -5.60
N VAL B 219 -8.72 -11.47 -6.38
CA VAL B 219 -9.69 -12.45 -5.87
C VAL B 219 -8.96 -13.50 -5.04
N ASP B 220 -7.85 -14.00 -5.59
CA ASP B 220 -7.05 -15.00 -4.92
C ASP B 220 -6.70 -14.47 -3.53
N VAL B 221 -6.02 -13.33 -3.50
CA VAL B 221 -5.65 -12.69 -2.25
C VAL B 221 -6.80 -12.87 -1.27
N VAL B 222 -8.03 -12.50 -1.69
CA VAL B 222 -9.21 -12.52 -0.80
C VAL B 222 -9.74 -13.91 -0.52
N ARG B 223 -9.72 -14.79 -1.52
CA ARG B 223 -9.94 -16.20 -1.22
C ARG B 223 -8.83 -16.72 -0.34
N ASN B 224 -7.99 -15.82 0.15
CA ASN B 224 -7.02 -16.15 1.16
C ASN B 224 -5.97 -17.08 0.59
N LEU B 225 -5.55 -16.76 -0.63
CA LEU B 225 -4.73 -17.70 -1.42
C LEU B 225 -3.30 -17.23 -1.71
N VAL B 226 -2.91 -16.04 -1.29
CA VAL B 226 -1.50 -15.67 -1.45
C VAL B 226 -0.80 -15.49 -0.11
N PHE B 227 -1.44 -14.80 0.82
CA PHE B 227 -0.91 -14.73 2.17
C PHE B 227 -2.04 -15.13 3.02
N HIS B 228 -1.78 -16.05 3.92
CA HIS B 228 -2.84 -16.68 4.67
C HIS B 228 -3.08 -15.95 5.97
N LEU B 229 -4.35 -15.71 6.26
CA LEU B 229 -4.77 -15.23 7.54
C LEU B 229 -5.68 -16.30 8.08
N LYS B 230 -5.68 -16.47 9.39
CA LYS B 230 -6.57 -17.44 10.01
C LYS B 230 -7.99 -16.96 9.82
N LYS B 231 -8.24 -15.71 10.21
CA LYS B 231 -9.61 -15.19 10.16
C LYS B 231 -10.05 -14.71 8.76
N GLY B 232 -9.10 -14.60 7.83
CA GLY B 232 -9.40 -14.43 6.43
C GLY B 232 -9.72 -12.99 6.07
N TYR B 233 -10.07 -12.79 4.80
CA TYR B 233 -10.14 -11.46 4.20
C TYR B 233 -11.55 -10.96 3.97
N MET B 234 -11.69 -9.64 3.84
CA MET B 234 -12.91 -9.01 3.36
C MET B 234 -12.51 -8.03 2.30
N ILE B 235 -13.48 -7.52 1.56
CA ILE B 235 -13.21 -6.49 0.57
C ILE B 235 -14.43 -5.59 0.48
N VAL B 236 -14.16 -4.31 0.29
CA VAL B 236 -15.18 -3.29 0.30
C VAL B 236 -14.79 -2.20 -0.66
N LYS B 237 -15.70 -1.24 -0.81
CA LYS B 237 -15.35 -0.08 -1.54
C LYS B 237 -15.97 1.10 -0.84
N CYS B 238 -15.15 2.11 -0.61
CA CYS B 238 -15.61 3.28 0.07
C CYS B 238 -15.68 4.44 -0.90
N ARG B 239 -16.18 5.54 -0.38
CA ARG B 239 -16.14 6.76 -1.11
C ARG B 239 -14.74 6.98 -1.69
N GLY B 240 -14.70 6.99 -3.02
CA GLY B 240 -13.59 7.59 -3.74
C GLY B 240 -13.53 9.07 -3.41
N GLN B 241 -12.37 9.67 -3.66
CA GLN B 241 -12.18 11.05 -3.25
C GLN B 241 -13.21 11.99 -3.88
N GLN B 242 -13.57 11.76 -5.13
CA GLN B 242 -14.59 12.55 -5.75
C GLN B 242 -15.82 12.55 -4.85
N GLU B 243 -16.26 11.35 -4.47
CA GLU B 243 -17.52 11.18 -3.74
C GLU B 243 -17.53 11.86 -2.36
N ILE B 244 -16.34 12.02 -1.77
CA ILE B 244 -16.16 12.79 -0.54
C ILE B 244 -16.39 14.27 -0.81
N GLN B 245 -15.76 14.80 -1.85
CA GLN B 245 -15.96 16.20 -2.25
C GLN B 245 -17.43 16.43 -2.51
N ASP B 246 -18.12 15.45 -3.09
CA ASP B 246 -19.56 15.58 -3.33
C ASP B 246 -20.42 15.17 -2.14
N GLN B 247 -19.80 15.02 -0.95
CA GLN B 247 -20.50 14.91 0.34
C GLN B 247 -21.51 13.78 0.41
N LEU B 248 -21.26 12.73 -0.36
CA LEU B 248 -22.27 11.69 -0.56
C LEU B 248 -22.78 11.07 0.76
N SER B 249 -24.11 10.99 0.89
CA SER B 249 -24.76 10.30 2.01
C SER B 249 -24.20 8.89 2.22
N LEU B 250 -23.98 8.46 3.47
CA LEU B 250 -23.42 7.13 3.70
C LEU B 250 -24.31 6.11 3.05
N SER B 251 -25.59 6.16 3.40
CA SER B 251 -26.53 5.17 2.88
C SER B 251 -26.45 5.05 1.37
N GLU B 252 -26.21 6.18 0.70
CA GLU B 252 -26.01 6.18 -0.73
C GLU B 252 -24.72 5.43 -1.08
N ALA B 253 -23.67 5.65 -0.28
CA ALA B 253 -22.40 4.99 -0.51
C ALA B 253 -22.54 3.49 -0.34
N LEU B 254 -23.16 3.07 0.75
CA LEU B 254 -23.42 1.66 0.95
C LEU B 254 -24.21 1.07 -0.21
N GLN B 255 -25.19 1.82 -0.73
CA GLN B 255 -25.92 1.39 -1.93
C GLN B 255 -24.92 1.02 -3.00
N ARG B 256 -24.15 1.98 -3.47
CA ARG B 256 -23.17 1.71 -4.52
C ARG B 256 -22.37 0.44 -4.27
N GLU B 257 -21.60 0.40 -3.18
CA GLU B 257 -20.86 -0.82 -2.82
C GLU B 257 -21.61 -2.09 -3.25
N LYS B 258 -22.89 -2.20 -2.88
CA LYS B 258 -23.70 -3.36 -3.27
C LYS B 258 -23.78 -3.48 -4.81
N ILE B 259 -24.34 -2.47 -5.48
CA ILE B 259 -24.24 -2.37 -6.93
C ILE B 259 -22.84 -2.76 -7.43
N PHE B 260 -21.82 -2.10 -6.91
CA PHE B 260 -20.48 -2.30 -7.42
C PHE B 260 -20.15 -3.76 -7.50
N PHE B 261 -20.29 -4.47 -6.38
CA PHE B 261 -20.00 -5.90 -6.35
C PHE B 261 -21.01 -6.72 -7.15
N GLU B 262 -22.30 -6.37 -6.97
CA GLU B 262 -23.42 -7.06 -7.64
C GLU B 262 -23.25 -7.17 -9.15
N ASN B 263 -22.74 -6.13 -9.79
CA ASN B 263 -22.61 -6.13 -11.23
C ASN B 263 -21.17 -6.21 -11.74
N HIS B 264 -20.25 -6.53 -10.85
CA HIS B 264 -18.84 -6.60 -11.22
C HIS B 264 -18.44 -8.04 -11.45
N PRO B 265 -18.09 -8.41 -12.69
CA PRO B 265 -17.84 -9.83 -13.04
C PRO B 265 -16.92 -10.63 -12.10
N TYR B 266 -15.63 -10.33 -12.02
CA TYR B 266 -14.74 -11.12 -11.14
C TYR B 266 -15.23 -11.18 -9.71
N PHE B 267 -15.50 -9.99 -9.20
CA PHE B 267 -15.79 -9.79 -7.78
C PHE B 267 -17.20 -10.15 -7.36
N ARG B 268 -18.11 -10.42 -8.29
CA ARG B 268 -19.42 -10.92 -7.89
C ARG B 268 -19.24 -12.09 -6.90
N ASP B 269 -18.40 -13.03 -7.29
CA ASP B 269 -18.16 -14.22 -6.49
C ASP B 269 -17.90 -13.83 -5.02
N LEU B 270 -16.91 -12.97 -4.81
CA LEU B 270 -16.46 -12.63 -3.46
C LEU B 270 -17.58 -12.14 -2.58
N LEU B 271 -18.53 -11.48 -3.20
CA LEU B 271 -19.75 -11.10 -2.52
C LEU B 271 -20.47 -12.37 -2.15
N GLU B 272 -20.84 -13.15 -3.16
CA GLU B 272 -21.69 -14.33 -2.96
C GLU B 272 -21.10 -15.28 -1.97
N GLU B 273 -19.80 -15.11 -1.70
CA GLU B 273 -19.08 -15.93 -0.75
C GLU B 273 -19.06 -15.34 0.68
N GLY B 274 -19.83 -14.29 0.93
CA GLY B 274 -19.83 -13.62 2.24
C GLY B 274 -18.53 -12.96 2.55
N LYS B 275 -17.80 -12.62 1.51
CA LYS B 275 -16.44 -12.13 1.64
C LYS B 275 -16.23 -10.73 1.09
N ALA B 276 -17.33 -10.08 0.74
CA ALA B 276 -17.30 -8.72 0.25
C ALA B 276 -18.44 -7.94 0.86
N THR B 277 -18.35 -6.63 0.79
CA THR B 277 -19.31 -5.66 1.34
C THR B 277 -18.98 -5.28 2.76
N VAL B 278 -19.56 -4.20 3.24
CA VAL B 278 -19.32 -3.73 4.61
C VAL B 278 -20.30 -4.41 5.56
N PRO B 279 -21.60 -4.38 5.24
CA PRO B 279 -22.50 -5.07 6.10
C PRO B 279 -22.09 -6.50 6.32
N SER B 280 -21.33 -7.07 5.39
CA SER B 280 -20.67 -8.36 5.65
C SER B 280 -19.68 -8.16 6.77
N LEU B 281 -18.67 -7.35 6.52
CA LEU B 281 -17.65 -7.05 7.55
C LEU B 281 -18.22 -6.68 8.94
N ALA B 282 -19.26 -5.85 8.95
CA ALA B 282 -19.93 -5.54 10.19
C ALA B 282 -20.30 -6.84 10.87
N GLU B 283 -21.08 -7.67 10.17
CA GLU B 283 -21.52 -8.96 10.67
C GLU B 283 -20.35 -9.81 11.13
N LYS B 284 -19.35 -9.90 10.24
CA LYS B 284 -18.12 -10.68 10.47
C LYS B 284 -17.52 -10.27 11.78
N LEU B 285 -17.19 -8.99 11.90
CA LEU B 285 -16.69 -8.40 13.14
C LEU B 285 -17.53 -8.76 14.35
N THR B 286 -18.84 -8.58 14.24
CA THR B 286 -19.72 -8.85 15.37
C THR B 286 -19.46 -10.25 15.96
N SER B 287 -19.50 -11.27 15.12
CA SER B 287 -19.14 -12.61 15.53
C SER B 287 -17.77 -12.61 16.22
N GLU B 288 -16.78 -11.99 15.57
CA GLU B 288 -15.43 -11.86 16.14
C GLU B 288 -15.56 -11.37 17.58
N LEU B 289 -16.30 -10.28 17.71
CA LEU B 289 -16.63 -9.73 19.00
C LEU B 289 -17.40 -10.75 19.82
N ILE B 290 -18.42 -11.33 19.19
CA ILE B 290 -19.32 -12.30 19.83
C ILE B 290 -18.56 -13.49 20.41
N THR B 291 -17.50 -13.91 19.72
CA THR B 291 -16.66 -15.03 20.19
C THR B 291 -15.99 -14.70 21.55
N HIS B 292 -15.40 -13.51 21.61
CA HIS B 292 -14.64 -13.09 22.81
C HIS B 292 -15.53 -12.99 24.02
N ILE B 293 -16.75 -12.47 23.83
CA ILE B 293 -17.74 -12.40 24.93
C ILE B 293 -17.98 -13.79 25.47
N SER B 294 -18.26 -14.71 24.56
CA SER B 294 -18.53 -16.09 24.94
C SER B 294 -17.38 -16.71 25.71
N LYS B 295 -16.15 -16.45 25.26
CA LYS B 295 -14.97 -17.02 25.92
C LYS B 295 -14.85 -16.48 27.34
N SER B 296 -15.10 -15.18 27.49
CA SER B 296 -15.00 -14.55 28.79
C SER B 296 -16.14 -14.95 29.73
N LEU B 297 -17.29 -15.29 29.15
CA LEU B 297 -18.58 -15.33 29.87
C LEU B 297 -18.76 -16.28 31.06
N PRO B 298 -18.20 -17.49 31.00
CA PRO B 298 -18.45 -18.38 32.13
C PRO B 298 -17.86 -17.88 33.45
N LEU B 299 -16.94 -16.93 33.35
CA LEU B 299 -16.20 -16.44 34.49
C LEU B 299 -16.90 -15.28 35.18
N LEU B 300 -18.09 -14.93 34.71
CA LEU B 300 -18.87 -13.85 35.28
C LEU B 300 -20.20 -14.29 35.84
N GLU B 301 -20.40 -15.58 36.01
CA GLU B 301 -21.73 -16.06 36.33
C GLU B 301 -22.23 -15.54 37.67
N ASN B 302 -21.34 -15.50 38.67
CA ASN B 302 -21.74 -14.99 39.97
C ASN B 302 -22.24 -13.52 39.89
N GLN B 303 -21.50 -12.67 39.18
CA GLN B 303 -21.96 -11.31 38.95
C GLN B 303 -23.30 -11.30 38.20
N ILE B 304 -23.38 -12.12 37.17
CA ILE B 304 -24.54 -12.17 36.30
C ILE B 304 -25.73 -12.71 37.07
N LYS B 305 -25.50 -13.71 37.90
CA LYS B 305 -26.55 -14.33 38.65
C LYS B 305 -26.96 -13.40 39.74
N GLU B 306 -26.00 -13.02 40.57
CA GLU B 306 -26.26 -12.12 41.71
C GLU B 306 -27.05 -10.95 41.21
N THR B 307 -26.57 -10.33 40.15
CA THR B 307 -27.17 -9.16 39.56
C THR B 307 -28.61 -9.41 39.15
N HIS B 308 -28.81 -10.46 38.37
CA HIS B 308 -30.15 -10.88 38.01
C HIS B 308 -31.07 -11.07 39.22
N GLN B 309 -30.58 -11.79 40.23
CA GLN B 309 -31.39 -12.11 41.40
C GLN B 309 -31.62 -10.83 42.21
N ARG B 310 -30.67 -9.92 42.19
CA ARG B 310 -30.79 -8.66 42.86
C ARG B 310 -31.86 -7.83 42.13
N ILE B 311 -31.86 -7.86 40.80
CA ILE B 311 -32.88 -7.12 40.06
C ILE B 311 -34.25 -7.71 40.21
N THR B 312 -34.32 -9.03 40.28
CA THR B 312 -35.61 -9.68 40.34
C THR B 312 -36.36 -9.36 41.65
N GLU B 313 -35.59 -9.15 42.73
CA GLU B 313 -36.12 -8.88 44.05
C GLU B 313 -36.58 -7.44 44.01
N GLU B 314 -35.82 -6.59 43.33
CA GLU B 314 -36.21 -5.18 43.20
C GLU B 314 -37.57 -5.04 42.53
N LEU B 315 -37.78 -5.81 41.48
CA LEU B 315 -38.95 -5.68 40.64
C LEU B 315 -40.09 -6.56 41.13
N GLN B 316 -39.75 -7.65 41.81
CA GLN B 316 -40.76 -8.48 42.43
C GLN B 316 -41.66 -7.66 43.36
N LYS B 317 -41.08 -6.69 44.07
CA LYS B 317 -41.85 -5.83 44.96
C LYS B 317 -42.78 -4.95 44.19
N TYR B 318 -42.29 -4.39 43.08
CA TYR B 318 -43.13 -3.56 42.18
C TYR B 318 -44.05 -4.38 41.30
N GLY B 319 -43.97 -5.70 41.48
CA GLY B 319 -44.96 -6.68 41.02
C GLY B 319 -46.01 -6.23 40.03
N GLY B 320 -47.26 -6.15 40.48
CA GLY B 320 -48.40 -5.77 39.63
C GLY B 320 -48.60 -4.27 39.46
N ASP B 321 -47.51 -3.61 39.12
CA ASP B 321 -47.48 -2.19 38.94
C ASP B 321 -47.26 -1.95 37.45
N PRO B 322 -47.87 -0.87 36.93
CA PRO B 322 -47.58 -0.43 35.56
C PRO B 322 -46.17 0.08 35.31
N LYS B 323 -45.57 0.77 36.26
CA LYS B 323 -44.26 1.38 36.01
C LYS B 323 -43.16 0.35 35.83
N ALA B 324 -43.36 -0.82 36.38
CA ALA B 324 -42.46 -1.97 36.16
C ALA B 324 -42.46 -2.44 34.70
N LYS B 325 -43.55 -2.14 33.98
CA LYS B 325 -43.76 -2.63 32.61
C LYS B 325 -42.46 -2.60 31.83
N PHE B 326 -41.84 -1.43 31.78
CA PHE B 326 -40.68 -1.29 30.96
C PHE B 326 -39.56 -2.27 31.36
N LEU B 327 -39.39 -2.41 32.68
CA LEU B 327 -38.26 -3.11 33.23
C LEU B 327 -38.66 -4.51 33.63
N LYS B 328 -39.88 -4.65 34.08
CA LYS B 328 -40.43 -5.97 34.27
C LYS B 328 -40.25 -6.70 32.94
N GLU B 329 -40.43 -5.98 31.83
CA GLU B 329 -40.15 -6.52 30.52
C GLU B 329 -38.68 -6.67 30.30
N ARG B 330 -37.91 -5.66 30.65
CA ARG B 330 -36.49 -5.70 30.34
C ARG B 330 -35.93 -6.90 31.02
N LEU B 331 -36.13 -7.01 32.31
CA LEU B 331 -35.67 -8.19 33.02
C LEU B 331 -35.90 -9.44 32.20
N ALA B 332 -37.11 -9.50 31.67
CA ALA B 332 -37.62 -10.73 31.14
C ALA B 332 -36.66 -11.23 30.08
N ARG B 333 -36.23 -10.30 29.25
CA ARG B 333 -35.42 -10.65 28.13
C ARG B 333 -34.15 -11.25 28.68
N LEU B 334 -33.67 -10.63 29.73
CA LEU B 334 -32.37 -10.94 30.28
C LEU B 334 -32.39 -12.36 30.77
N THR B 335 -33.47 -12.68 31.46
CA THR B 335 -33.68 -14.00 31.99
C THR B 335 -33.69 -15.09 30.94
N GLN B 336 -34.46 -14.88 29.87
CA GLN B 336 -34.59 -15.94 28.87
C GLN B 336 -33.18 -16.16 28.29
N ALA B 337 -32.52 -15.03 28.05
CA ALA B 337 -31.24 -15.09 27.39
C ALA B 337 -30.34 -15.95 28.24
N ARG B 338 -30.28 -15.61 29.51
CA ARG B 338 -29.30 -16.22 30.36
C ARG B 338 -29.53 -17.70 30.40
N ARG B 339 -30.79 -18.13 30.51
CA ARG B 339 -31.05 -19.56 30.69
C ARG B 339 -30.42 -20.26 29.51
N ARG B 340 -30.72 -19.82 28.29
CA ARG B 340 -30.14 -20.49 27.11
C ARG B 340 -28.62 -20.41 26.97
N LEU B 341 -28.04 -19.25 27.27
CA LEU B 341 -26.61 -19.10 27.06
C LEU B 341 -25.90 -19.98 28.04
N ALA B 342 -26.42 -20.06 29.26
CA ALA B 342 -25.79 -20.90 30.27
C ALA B 342 -25.93 -22.33 29.82
N GLN B 343 -27.11 -22.70 29.32
CA GLN B 343 -27.33 -24.07 28.91
C GLN B 343 -26.26 -24.44 27.89
N PHE B 344 -25.86 -23.48 27.06
CA PHE B 344 -24.72 -23.74 26.17
C PHE B 344 -23.55 -24.30 26.99
PG GCP C . 8.54 -6.89 -10.11
O1G GCP C . 9.99 -7.02 -10.81
O2G GCP C . 8.74 -6.14 -8.86
O3G GCP C . 8.08 -8.38 -9.78
C3B GCP C . 7.26 -6.10 -11.20
PB GCP C . 7.72 -4.46 -11.82
O1B GCP C . 8.96 -4.54 -12.68
O2B GCP C . 7.97 -3.42 -10.60
O3A GCP C . 6.56 -3.91 -12.74
PA GCP C . 6.24 -4.62 -14.13
O1A GCP C . 7.21 -4.05 -15.13
O2A GCP C . 6.02 -6.09 -13.76
O5' GCP C . 4.75 -4.13 -14.45
C5' GCP C . 3.83 -4.18 -13.34
C4' GCP C . 2.40 -4.44 -13.72
O4' GCP C . 1.67 -3.24 -13.67
C3' GCP C . 2.20 -4.96 -15.10
O3' GCP C . 1.10 -5.86 -15.08
C2' GCP C . 1.85 -3.75 -15.96
O2' GCP C . 0.91 -3.97 -17.04
C1' GCP C . 1.28 -2.77 -14.96
N9 GCP C . 1.75 -1.41 -15.32
C8 GCP C . 3.00 -0.98 -15.47
N7 GCP C . 3.00 0.32 -15.80
C5 GCP C . 1.72 0.74 -15.90
C6 GCP C . 0.97 2.01 -16.25
O6 GCP C . 1.62 3.05 -16.55
N1 GCP C . -0.38 1.96 -16.21
C2 GCP C . -1.04 0.83 -15.88
N2 GCP C . -2.36 0.76 -15.83
N3 GCP C . -0.42 -0.31 -15.57
C4 GCP C . 0.91 -0.41 -15.56
MG MG D . 9.93 -6.43 -12.80
PG GCP E . -4.33 8.20 6.68
O1G GCP E . -3.46 7.04 6.35
O2G GCP E . -5.27 7.83 7.92
O3G GCP E . -3.39 9.49 7.03
C3B GCP E . -5.48 8.42 5.31
PB GCP E . -6.60 7.00 5.35
O1B GCP E . -5.73 5.71 5.62
O2B GCP E . -7.65 7.17 6.40
O3A GCP E . -7.30 6.81 3.96
PA GCP E . -8.74 7.54 3.83
O1A GCP E . -8.54 9.03 3.97
O2A GCP E . -9.84 6.88 4.63
O5' GCP E . -8.98 7.23 2.26
C5' GCP E . -7.87 7.49 1.42
C4' GCP E . -8.33 8.07 0.08
O4' GCP E . -8.76 7.01 -0.79
C3' GCP E . -9.45 9.04 0.20
O3' GCP E . -9.21 10.00 -0.83
C2' GCP E . -10.65 8.24 -0.18
O2' GCP E . -11.64 9.06 -0.83
C1' GCP E . -10.11 7.20 -1.14
N9 GCP E . -10.73 5.89 -1.04
C8 GCP E . -10.93 5.19 0.10
N7 GCP E . -11.55 4.00 -0.18
C5 GCP E . -11.74 3.95 -1.51
C6 GCP E . -12.32 3.00 -2.47
O6 GCP E . -12.79 1.95 -2.06
N1 GCP E . -12.34 3.30 -3.78
C2 GCP E . -11.82 4.48 -4.22
N2 GCP E . -11.85 4.76 -5.54
N3 GCP E . -11.26 5.40 -3.40
C4 GCP E . -11.18 5.19 -2.07
MG MG F . -7.19 8.50 7.89
#